data_6RJV
#
_entry.id   6RJV
#
_cell.length_a   214.380
_cell.length_b   44.610
_cell.length_c   142.610
_cell.angle_alpha   90.00
_cell.angle_beta   114.00
_cell.angle_gamma   90.00
#
_symmetry.space_group_name_H-M   'C 1 2 1'
#
loop_
_entity.id
_entity.type
_entity.pdbx_description
1 polymer 'Serum albumin'
2 non-polymer 'MAGNESIUM ION'
3 non-polymer 'GOLD ION'
4 water water
#
_entity_poly.entity_id   1
_entity_poly.type   'polypeptide(L)'
_entity_poly.pdbx_seq_one_letter_code
;DTHKSEIAHRFKDLGEEHFKGLVLIAFSQYLQQCPFDEHVKLVNELTEFAKTCVADESHAGCEKSLHTLFGDELCKVASL
RETYGDMADCCEKQEPERNECFLSHKDDSPDLPKLKPDPNTLCDEFKADEKKFWGKYLYEIARRHPYFYAPELLYYANKY
NGVFQECCQAEDKGACLLPKIETMREKVLTSSARQRLRCASIQKFGERALKAWSVARLSQKFPKAEFVEVTKLVTDLTKV
HKECCHGDLLECADDRADLAKYICDNQDTISSKLKECCDKPLLEKSHCIAEVEKDAIPENLPPLTADFAEDKDVCKNYQE
AKDAFLGSFLYEYSRRHPEYAVSVLLRLAKEYEATLEECCAKDDPHACYSTVFDKLKHLVDEPQNLIKQNCDQFEKLGEY
GFQNALIVRYTRKVPQVSTPTLVEVSRSLGKVGTRCCTKPESERMPCTEDYLSLILNRLCVLHEKTPVSEKVTKCCTESL
VNRRPCFSALTPDETYVPKAFDEKLFTFHADICTLPDTEKQIKKQTALVELLKHKPKATEEQLKTVMENFVAFVDKCCAA
DDKEACFAVEGPKLVVSTQTALA
;
_entity_poly.pdbx_strand_id   A,B
#
loop_
_chem_comp.id
_chem_comp.type
_chem_comp.name
_chem_comp.formula
AU non-polymer 'GOLD ION' 'Au 1'
MG non-polymer 'MAGNESIUM ION' 'Mg 2'
#
# COMPACT_ATOMS: atom_id res chain seq x y z
N HIS A 3 26.52 39.57 5.53
CA HIS A 3 25.15 39.04 5.78
C HIS A 3 24.78 39.21 7.25
N LYS A 4 23.99 40.26 7.56
CA LYS A 4 23.44 40.44 8.90
C LYS A 4 22.32 39.42 9.10
N SER A 5 21.99 38.66 8.04
CA SER A 5 20.89 37.71 8.02
C SER A 5 21.32 36.37 7.41
N GLU A 6 21.43 35.31 8.26
CA GLU A 6 21.95 33.99 7.91
C GLU A 6 21.03 33.35 6.88
N ILE A 7 19.72 33.33 7.15
CA ILE A 7 18.77 32.69 6.26
C ILE A 7 18.83 33.31 4.87
N ALA A 8 19.08 34.63 4.77
CA ALA A 8 19.20 35.30 3.47
C ALA A 8 20.42 34.79 2.72
N HIS A 9 21.58 34.86 3.40
CA HIS A 9 22.82 34.22 3.01
C HIS A 9 22.57 32.86 2.37
N ARG A 10 21.93 31.95 3.11
CA ARG A 10 21.73 30.60 2.61
C ARG A 10 20.99 30.64 1.26
N PHE A 11 19.89 31.41 1.18
CA PHE A 11 19.09 31.39 -0.03
C PHE A 11 19.94 31.85 -1.20
N LYS A 12 20.64 32.97 -1.00
CA LYS A 12 21.54 33.54 -2.01
C LYS A 12 22.52 32.46 -2.46
N ASP A 13 23.22 31.89 -1.46
CA ASP A 13 24.28 30.91 -1.64
C ASP A 13 23.79 29.62 -2.28
N LEU A 14 22.56 29.17 -2.02
CA LEU A 14 22.19 27.83 -2.44
C LEU A 14 21.23 27.79 -3.64
N GLY A 15 20.53 28.90 -3.93
CA GLY A 15 19.46 28.92 -4.91
C GLY A 15 18.19 28.22 -4.41
N GLU A 16 17.04 28.67 -4.90
CA GLU A 16 15.73 28.28 -4.38
C GLU A 16 15.56 26.77 -4.33
N GLU A 17 16.00 26.10 -5.41
CA GLU A 17 15.67 24.72 -5.69
C GLU A 17 16.21 23.80 -4.59
N HIS A 18 17.51 23.94 -4.32
CA HIS A 18 18.19 23.18 -3.28
C HIS A 18 17.70 23.64 -1.92
N PHE A 19 17.76 24.97 -1.70
CA PHE A 19 17.23 25.59 -0.50
C PHE A 19 15.95 24.89 -0.10
N LYS A 20 15.02 24.79 -1.07
CA LYS A 20 13.70 24.26 -0.82
C LYS A 20 13.80 22.78 -0.49
N GLY A 21 14.77 22.09 -1.11
CA GLY A 21 15.01 20.68 -0.86
C GLY A 21 15.45 20.44 0.59
N LEU A 22 16.62 20.97 0.94
CA LEU A 22 17.23 20.83 2.25
C LEU A 22 16.24 21.13 3.39
N VAL A 23 15.34 22.10 3.17
CA VAL A 23 14.41 22.46 4.22
C VAL A 23 13.34 21.38 4.35
N LEU A 24 12.91 20.82 3.22
CA LEU A 24 11.97 19.71 3.23
C LEU A 24 12.62 18.49 3.91
N ILE A 25 13.89 18.23 3.60
CA ILE A 25 14.61 17.17 4.25
C ILE A 25 14.55 17.39 5.76
N ALA A 26 15.00 18.56 6.21
CA ALA A 26 15.02 18.87 7.63
C ALA A 26 13.66 18.59 8.27
N PHE A 27 12.57 19.18 7.74
CA PHE A 27 11.25 18.93 8.29
C PHE A 27 10.98 17.43 8.30
N SER A 28 11.36 16.73 7.22
CA SER A 28 11.09 15.31 7.14
C SER A 28 11.89 14.53 8.17
N GLN A 29 13.02 15.10 8.61
CA GLN A 29 13.92 14.40 9.50
C GLN A 29 13.52 14.65 10.95
N TYR A 30 12.91 15.79 11.22
CA TYR A 30 12.60 16.07 12.61
C TYR A 30 11.24 15.45 12.88
N LEU A 31 10.31 15.78 12.00
CA LEU A 31 8.95 15.32 12.15
C LEU A 31 8.75 14.20 11.16
N GLN A 32 8.91 12.96 11.62
CA GLN A 32 9.06 11.90 10.65
C GLN A 32 7.73 11.29 10.20
N GLN A 33 6.68 11.42 11.01
CA GLN A 33 5.38 10.91 10.63
C GLN A 33 4.44 12.04 10.20
N CYS A 34 4.94 13.11 9.59
CA CYS A 34 3.96 14.07 9.12
C CYS A 34 3.78 13.80 7.62
N PRO A 35 2.58 14.03 7.03
CA PRO A 35 2.36 13.81 5.60
C PRO A 35 3.20 14.76 4.75
N PHE A 36 3.45 14.33 3.51
CA PHE A 36 4.31 15.05 2.60
C PHE A 36 3.76 16.46 2.42
N ASP A 37 2.46 16.55 2.18
CA ASP A 37 1.75 17.79 1.91
C ASP A 37 2.00 18.84 3.00
N GLU A 38 1.76 18.45 4.24
CA GLU A 38 1.85 19.35 5.37
C GLU A 38 3.28 19.88 5.48
N HIS A 39 4.25 19.03 5.09
CA HIS A 39 5.66 19.42 5.03
C HIS A 39 5.91 20.41 3.90
N VAL A 40 5.44 20.08 2.69
CA VAL A 40 5.61 20.98 1.55
C VAL A 40 5.15 22.37 1.96
N LYS A 41 4.02 22.43 2.67
CA LYS A 41 3.42 23.68 3.11
C LYS A 41 4.46 24.52 3.86
N LEU A 42 4.96 23.99 4.99
CA LEU A 42 5.92 24.69 5.85
C LEU A 42 7.13 25.17 5.06
N VAL A 43 7.52 24.37 4.03
CA VAL A 43 8.72 24.64 3.24
C VAL A 43 8.51 25.92 2.45
N ASN A 44 7.29 26.11 1.94
CA ASN A 44 7.06 27.30 1.15
C ASN A 44 6.97 28.50 2.08
N GLU A 45 6.30 28.31 3.23
CA GLU A 45 6.24 29.36 4.23
C GLU A 45 7.65 29.85 4.50
N LEU A 46 8.52 28.93 4.93
CA LEU A 46 9.86 29.35 5.25
C LEU A 46 10.57 29.93 4.01
N THR A 47 10.12 29.52 2.81
CA THR A 47 10.84 29.92 1.60
C THR A 47 10.43 31.31 1.15
N GLU A 48 9.13 31.62 1.16
CA GLU A 48 8.61 32.97 1.02
C GLU A 48 9.37 33.94 1.92
N PHE A 49 9.37 33.68 3.24
CA PHE A 49 10.05 34.49 4.23
C PHE A 49 11.54 34.66 3.91
N ALA A 50 12.16 33.61 3.41
CA ALA A 50 13.57 33.67 3.07
C ALA A 50 13.80 34.74 2.01
N LYS A 51 12.80 34.93 1.14
CA LYS A 51 12.86 35.89 0.05
C LYS A 51 12.69 37.29 0.63
N THR A 52 11.75 37.38 1.57
CA THR A 52 11.53 38.62 2.29
C THR A 52 12.90 39.17 2.71
N CYS A 53 13.73 38.31 3.29
CA CYS A 53 14.98 38.72 3.91
C CYS A 53 16.07 38.99 2.88
N VAL A 54 15.91 38.45 1.68
CA VAL A 54 16.96 38.64 0.68
C VAL A 54 16.76 39.99 -0.01
N ALA A 55 15.49 40.40 -0.11
CA ALA A 55 15.13 41.76 -0.47
C ALA A 55 15.59 42.74 0.62
N ASP A 56 15.19 42.45 1.87
CA ASP A 56 15.31 43.36 3.00
C ASP A 56 16.03 42.64 4.14
N GLU A 57 17.38 42.66 4.12
CA GLU A 57 18.19 41.96 5.11
C GLU A 57 17.86 42.43 6.52
N SER A 58 17.03 43.48 6.64
CA SER A 58 16.77 44.19 7.88
C SER A 58 15.33 44.02 8.38
N HIS A 59 14.56 43.21 7.65
CA HIS A 59 13.22 42.89 8.06
C HIS A 59 13.28 42.18 9.42
N ALA A 60 12.16 42.30 10.14
CA ALA A 60 12.07 41.73 11.47
C ALA A 60 12.09 40.21 11.35
N GLY A 61 13.07 39.60 12.02
CA GLY A 61 13.20 38.15 12.07
C GLY A 61 14.44 37.65 11.32
N CYS A 62 14.87 38.44 10.34
CA CYS A 62 15.90 38.02 9.41
C CYS A 62 17.25 37.83 10.10
N GLU A 63 17.45 38.55 11.21
CA GLU A 63 18.71 38.52 11.91
C GLU A 63 18.73 37.29 12.81
N LYS A 64 17.60 36.58 12.85
CA LYS A 64 17.46 35.39 13.68
C LYS A 64 18.23 34.21 13.08
N SER A 65 18.70 33.34 13.97
CA SER A 65 19.40 32.15 13.54
C SER A 65 18.43 31.22 12.81
N LEU A 66 19.02 30.38 11.97
CA LEU A 66 18.26 29.40 11.23
C LEU A 66 17.71 28.32 12.16
N HIS A 67 18.40 28.09 13.27
CA HIS A 67 17.83 27.25 14.29
C HIS A 67 16.59 27.92 14.88
N THR A 68 16.68 29.19 15.30
CA THR A 68 15.52 29.83 15.89
C THR A 68 14.38 29.70 14.89
N LEU A 69 14.68 30.08 13.65
CA LEU A 69 13.65 30.24 12.64
C LEU A 69 12.93 28.91 12.42
N PHE A 70 13.70 27.89 12.03
CA PHE A 70 13.18 26.57 11.69
C PHE A 70 12.44 25.96 12.86
N GLY A 71 13.06 26.02 14.04
CA GLY A 71 12.45 25.59 15.30
C GLY A 71 11.09 26.24 15.58
N ASP A 72 10.99 27.56 15.39
CA ASP A 72 9.74 28.26 15.65
C ASP A 72 8.63 27.66 14.78
N GLU A 73 8.99 27.18 13.58
CA GLU A 73 8.02 26.71 12.61
C GLU A 73 7.46 25.36 13.06
N LEU A 74 8.37 24.52 13.58
CA LEU A 74 8.06 23.21 14.13
C LEU A 74 7.03 23.34 15.25
N CYS A 75 7.20 24.39 16.06
CA CYS A 75 6.40 24.54 17.27
C CYS A 75 4.97 24.98 16.95
N LYS A 76 4.73 25.28 15.66
CA LYS A 76 3.44 25.81 15.22
C LYS A 76 2.57 24.67 14.68
N VAL A 77 3.19 23.58 14.25
CA VAL A 77 2.46 22.38 13.85
C VAL A 77 1.49 21.97 14.96
N ALA A 78 0.20 21.93 14.63
CA ALA A 78 -0.84 21.87 15.66
C ALA A 78 -0.98 20.45 16.21
N SER A 79 -0.83 19.46 15.34
CA SER A 79 -1.03 18.08 15.75
C SER A 79 0.19 17.52 16.50
N LEU A 80 1.15 18.38 16.87
CA LEU A 80 2.51 17.97 17.21
C LEU A 80 2.63 17.16 18.51
N ARG A 81 1.99 17.60 19.61
CA ARG A 81 1.99 16.78 20.81
C ARG A 81 1.23 15.48 20.54
N GLU A 82 0.10 15.58 19.85
CA GLU A 82 -0.72 14.42 19.60
C GLU A 82 0.15 13.39 18.92
N THR A 83 0.83 13.80 17.85
CA THR A 83 1.57 12.90 16.97
C THR A 83 2.93 12.55 17.57
N TYR A 84 3.54 13.46 18.36
CA TYR A 84 4.95 13.31 18.72
C TYR A 84 5.23 13.23 20.22
N GLY A 85 4.27 13.58 21.07
CA GLY A 85 4.36 13.36 22.52
C GLY A 85 5.30 14.33 23.23
N ASP A 86 6.26 13.77 23.99
CA ASP A 86 7.19 14.54 24.81
C ASP A 86 8.04 15.48 23.96
N MET A 87 7.86 15.44 22.63
CA MET A 87 8.64 16.25 21.72
C MET A 87 8.07 17.66 21.80
N ALA A 88 6.76 17.72 22.04
CA ALA A 88 6.10 19.01 22.16
C ALA A 88 6.71 19.80 23.31
N ASP A 89 7.16 19.09 24.36
CA ASP A 89 7.79 19.74 25.50
C ASP A 89 9.08 20.46 25.12
N CYS A 90 9.65 20.21 23.94
CA CYS A 90 10.92 20.83 23.60
C CYS A 90 10.71 22.31 23.35
N CYS A 91 9.49 22.62 22.91
CA CYS A 91 9.05 23.97 22.58
C CYS A 91 9.17 24.93 23.75
N GLU A 92 8.97 24.39 24.96
CA GLU A 92 9.04 25.22 26.15
C GLU A 92 10.47 25.71 26.37
N LYS A 93 11.44 25.32 25.52
CA LYS A 93 12.84 25.59 25.85
C LYS A 93 13.47 26.60 24.90
N GLN A 94 14.46 27.35 25.42
CA GLN A 94 15.23 28.28 24.60
C GLN A 94 16.16 27.49 23.70
N GLU A 95 16.63 28.11 22.61
CA GLU A 95 17.75 27.59 21.86
C GLU A 95 19.03 27.93 22.61
N PRO A 96 20.05 27.07 22.55
CA PRO A 96 20.05 25.89 21.69
C PRO A 96 19.58 24.60 22.35
N GLU A 97 19.17 24.67 23.62
CA GLU A 97 18.63 23.48 24.27
C GLU A 97 17.40 22.96 23.51
N ARG A 98 16.67 23.86 22.85
CA ARG A 98 15.43 23.46 22.22
C ARG A 98 15.75 22.53 21.08
N ASN A 99 16.72 22.95 20.26
CA ASN A 99 17.09 22.19 19.08
C ASN A 99 17.62 20.83 19.52
N GLU A 100 18.48 20.85 20.54
CA GLU A 100 19.13 19.65 21.05
C GLU A 100 18.08 18.63 21.44
N CYS A 101 17.01 19.12 22.07
CA CYS A 101 15.84 18.34 22.47
C CYS A 101 15.14 17.74 21.24
N PHE A 102 15.03 18.54 20.18
CA PHE A 102 14.36 18.12 18.96
C PHE A 102 15.15 16.97 18.34
N LEU A 103 16.46 17.13 18.28
CA LEU A 103 17.36 16.12 17.75
C LEU A 103 17.20 14.81 18.50
N SER A 104 17.18 14.91 19.83
CA SER A 104 17.11 13.69 20.62
C SER A 104 15.77 12.99 20.41
N HIS A 105 14.82 13.58 19.71
CA HIS A 105 13.54 12.90 19.58
C HIS A 105 13.42 12.33 18.17
N LYS A 106 14.53 12.33 17.42
CA LYS A 106 14.63 11.77 16.08
C LYS A 106 14.60 10.25 16.14
N ASP A 107 13.67 9.59 15.42
CA ASP A 107 13.50 8.14 15.51
C ASP A 107 14.39 7.39 14.52
N ASP A 108 15.39 6.67 15.07
CA ASP A 108 16.36 5.88 14.33
C ASP A 108 15.80 4.56 13.79
N SER A 109 14.65 4.10 14.31
CA SER A 109 13.86 2.97 13.81
C SER A 109 12.39 3.39 13.67
N PRO A 110 11.94 4.07 12.57
CA PRO A 110 10.64 4.73 12.57
C PRO A 110 9.39 3.89 12.31
N ASP A 111 9.57 2.65 11.84
CA ASP A 111 8.49 1.67 11.71
C ASP A 111 7.44 2.19 10.72
N LEU A 112 7.93 2.63 9.56
CA LEU A 112 7.07 3.06 8.46
C LEU A 112 7.11 2.01 7.35
N PRO A 113 5.96 1.80 6.66
CA PRO A 113 5.85 0.95 5.48
C PRO A 113 7.13 0.89 4.65
N LYS A 114 7.60 -0.35 4.40
CA LYS A 114 8.75 -0.63 3.55
C LYS A 114 8.30 -0.39 2.11
N LEU A 115 8.94 0.56 1.41
CA LEU A 115 8.44 1.11 0.15
C LEU A 115 8.63 0.07 -0.97
N LYS A 116 7.57 -0.64 -1.35
CA LYS A 116 7.69 -1.70 -2.33
C LYS A 116 7.27 -1.18 -3.72
N PRO A 117 8.24 -0.75 -4.57
CA PRO A 117 7.95 0.17 -5.67
C PRO A 117 7.32 -0.48 -6.91
N ASP A 118 6.25 0.15 -7.44
CA ASP A 118 5.51 -0.32 -8.62
C ASP A 118 5.91 0.47 -9.87
N PRO A 119 6.61 -0.19 -10.84
CA PRO A 119 7.00 0.43 -12.10
C PRO A 119 5.98 1.42 -12.64
N ASN A 120 4.79 0.90 -12.95
CA ASN A 120 3.74 1.60 -13.69
C ASN A 120 3.26 2.85 -12.96
N THR A 121 2.94 2.72 -11.66
CA THR A 121 2.37 3.83 -10.90
C THR A 121 3.41 4.91 -10.64
N LEU A 122 4.68 4.50 -10.40
CA LEU A 122 5.73 5.48 -10.10
C LEU A 122 6.06 6.27 -11.37
N CYS A 123 5.91 5.61 -12.53
CA CYS A 123 6.19 6.27 -13.79
C CYS A 123 5.14 7.34 -14.05
N ASP A 124 3.89 7.12 -13.60
CA ASP A 124 2.80 8.08 -13.79
C ASP A 124 3.13 9.40 -13.09
N GLU A 125 3.49 9.29 -11.80
CA GLU A 125 3.73 10.43 -10.95
C GLU A 125 4.86 11.29 -11.50
N PHE A 126 5.79 10.64 -12.19
CA PHE A 126 6.98 11.28 -12.71
C PHE A 126 6.62 12.15 -13.91
N LYS A 127 5.88 11.55 -14.85
CA LYS A 127 5.47 12.21 -16.08
C LYS A 127 4.57 13.39 -15.71
N ALA A 128 3.81 13.20 -14.62
CA ALA A 128 2.91 14.22 -14.09
C ALA A 128 3.73 15.36 -13.52
N ASP A 129 4.27 15.15 -12.32
CA ASP A 129 4.97 16.20 -11.60
C ASP A 129 6.39 15.71 -11.26
N GLU A 130 7.36 16.19 -12.04
CA GLU A 130 8.74 15.75 -11.93
C GLU A 130 9.38 16.30 -10.67
N LYS A 131 9.03 17.55 -10.30
CA LYS A 131 9.62 18.21 -9.15
C LYS A 131 8.95 17.79 -7.85
N LYS A 132 7.66 17.44 -7.89
CA LYS A 132 6.99 16.88 -6.72
C LYS A 132 7.45 15.45 -6.47
N PHE A 133 7.62 14.66 -7.55
CA PHE A 133 8.11 13.29 -7.49
C PHE A 133 9.51 13.26 -6.86
N TRP A 134 10.37 14.18 -7.31
CA TRP A 134 11.74 14.29 -6.83
C TRP A 134 11.69 14.59 -5.33
N GLY A 135 10.79 15.51 -4.99
CA GLY A 135 10.65 15.95 -3.61
C GLY A 135 10.12 14.84 -2.71
N LYS A 136 9.13 14.10 -3.20
CA LYS A 136 8.56 13.02 -2.42
C LYS A 136 9.61 11.94 -2.19
N TYR A 137 10.60 11.86 -3.08
CA TYR A 137 11.68 10.91 -2.84
C TYR A 137 12.48 11.39 -1.64
N LEU A 138 12.92 12.66 -1.76
CA LEU A 138 13.61 13.34 -0.67
C LEU A 138 12.90 13.03 0.65
N TYR A 139 11.57 13.10 0.62
CA TYR A 139 10.70 12.92 1.79
C TYR A 139 10.93 11.53 2.37
N GLU A 140 10.73 10.51 1.53
CA GLU A 140 10.50 9.14 1.99
C GLU A 140 11.83 8.58 2.47
N ILE A 141 12.92 9.05 1.88
CA ILE A 141 14.21 8.55 2.34
C ILE A 141 14.52 9.22 3.66
N ALA A 142 14.36 10.54 3.68
CA ALA A 142 14.90 11.31 4.79
C ALA A 142 14.14 10.99 6.06
N ARG A 143 12.86 10.59 5.93
CA ARG A 143 12.03 10.40 7.11
C ARG A 143 12.27 9.00 7.65
N ARG A 144 13.05 8.24 6.89
CA ARG A 144 13.44 6.93 7.34
C ARG A 144 14.91 6.93 7.76
N HIS A 145 15.64 8.01 7.46
CA HIS A 145 17.05 8.08 7.78
C HIS A 145 17.38 9.40 8.44
N PRO A 146 16.78 9.74 9.60
CA PRO A 146 16.75 11.11 10.09
C PRO A 146 18.12 11.77 10.23
N TYR A 147 19.20 11.00 10.06
CA TYR A 147 20.52 11.63 10.07
C TYR A 147 21.22 11.58 8.70
N PHE A 148 20.47 11.35 7.63
CA PHE A 148 21.07 11.20 6.31
C PHE A 148 21.80 12.47 5.91
N TYR A 149 23.07 12.35 5.46
CA TYR A 149 23.87 13.46 4.93
C TYR A 149 23.08 14.24 3.89
N ALA A 150 22.59 15.44 4.29
CA ALA A 150 21.59 16.19 3.54
C ALA A 150 21.99 16.49 2.08
N PRO A 151 23.19 17.04 1.79
CA PRO A 151 23.56 17.28 0.39
C PRO A 151 23.54 16.00 -0.44
N GLU A 152 24.05 14.89 0.13
CA GLU A 152 24.20 13.65 -0.60
C GLU A 152 22.82 13.13 -0.99
N LEU A 153 21.85 13.29 -0.09
CA LEU A 153 20.49 12.87 -0.42
C LEU A 153 19.85 13.73 -1.53
N LEU A 154 20.32 14.97 -1.70
CA LEU A 154 19.91 15.78 -2.84
C LEU A 154 20.41 15.11 -4.10
N TYR A 155 21.69 14.71 -4.05
CA TYR A 155 22.42 14.07 -5.15
C TYR A 155 21.70 12.81 -5.57
N TYR A 156 21.20 12.08 -4.55
CA TYR A 156 20.52 10.81 -4.76
C TYR A 156 19.15 10.98 -5.40
N ALA A 157 18.45 12.05 -5.01
CA ALA A 157 17.17 12.40 -5.62
C ALA A 157 17.38 12.73 -7.10
N ASN A 158 18.50 13.38 -7.37
CA ASN A 158 18.89 13.66 -8.75
C ASN A 158 18.96 12.36 -9.54
N LYS A 159 19.80 11.43 -9.04
CA LYS A 159 20.08 10.17 -9.71
C LYS A 159 18.80 9.36 -9.88
N TYR A 160 17.99 9.31 -8.81
CA TYR A 160 16.66 8.71 -8.85
C TYR A 160 15.85 9.30 -10.01
N ASN A 161 15.98 10.60 -10.24
CA ASN A 161 15.25 11.19 -11.34
C ASN A 161 15.82 10.71 -12.68
N GLY A 162 17.15 10.54 -12.74
CA GLY A 162 17.85 10.14 -13.96
C GLY A 162 17.46 8.73 -14.41
N VAL A 163 17.12 7.90 -13.42
CA VAL A 163 16.62 6.55 -13.65
C VAL A 163 15.24 6.67 -14.30
N PHE A 164 14.32 7.40 -13.64
CA PHE A 164 12.93 7.40 -14.07
C PHE A 164 12.78 8.16 -15.37
N GLN A 165 13.66 9.13 -15.57
CA GLN A 165 13.55 9.95 -16.75
C GLN A 165 13.88 9.08 -17.95
N GLU A 166 14.70 8.05 -17.71
CA GLU A 166 15.20 7.24 -18.81
C GLU A 166 14.30 6.03 -19.02
N CYS A 167 14.01 5.33 -17.94
CA CYS A 167 13.34 4.05 -18.04
C CYS A 167 11.85 4.14 -18.42
N CYS A 168 11.13 5.22 -18.03
CA CYS A 168 9.69 5.26 -18.29
C CYS A 168 9.40 5.35 -19.79
N GLN A 169 10.46 5.46 -20.61
CA GLN A 169 10.37 5.56 -22.06
C GLN A 169 10.69 4.24 -22.72
N ALA A 170 11.44 3.38 -22.00
CA ALA A 170 11.64 2.01 -22.45
C ALA A 170 10.31 1.28 -22.39
N GLU A 171 10.21 0.17 -23.10
CA GLU A 171 8.98 -0.56 -23.30
C GLU A 171 8.57 -1.28 -22.03
N ASP A 172 9.38 -2.28 -21.68
CA ASP A 172 9.24 -2.99 -20.43
C ASP A 172 9.86 -2.14 -19.31
N LYS A 173 9.21 -1.00 -19.03
CA LYS A 173 9.65 -0.01 -18.06
C LYS A 173 10.21 -0.71 -16.83
N GLY A 174 9.43 -1.65 -16.28
CA GLY A 174 9.72 -2.36 -15.05
C GLY A 174 11.08 -3.04 -15.05
N ALA A 175 11.35 -3.82 -16.11
CA ALA A 175 12.56 -4.61 -16.16
C ALA A 175 13.80 -3.72 -16.38
N CYS A 176 13.57 -2.52 -16.89
CA CYS A 176 14.59 -1.48 -16.99
C CYS A 176 14.92 -0.90 -15.62
N LEU A 177 13.90 -0.40 -14.91
CA LEU A 177 14.17 0.46 -13.78
C LEU A 177 14.45 -0.36 -12.51
N LEU A 178 13.93 -1.58 -12.45
CA LEU A 178 13.86 -2.25 -11.16
C LEU A 178 15.23 -2.72 -10.68
N PRO A 179 16.14 -3.24 -11.55
CA PRO A 179 17.57 -3.38 -11.21
C PRO A 179 18.28 -2.09 -10.83
N LYS A 180 17.90 -0.97 -11.46
CA LYS A 180 18.51 0.31 -11.17
C LYS A 180 18.05 0.82 -9.80
N ILE A 181 16.74 0.76 -9.50
CA ILE A 181 16.31 1.22 -8.19
C ILE A 181 16.90 0.29 -7.14
N GLU A 182 17.05 -0.99 -7.48
CA GLU A 182 17.64 -1.91 -6.51
C GLU A 182 19.11 -1.61 -6.23
N THR A 183 19.94 -1.36 -7.26
CA THR A 183 21.34 -0.99 -7.03
C THR A 183 21.42 0.22 -6.12
N MET A 184 20.78 1.31 -6.54
CA MET A 184 20.86 2.56 -5.81
C MET A 184 20.54 2.30 -4.34
N ARG A 185 19.43 1.60 -4.08
CA ARG A 185 18.95 1.32 -2.74
C ARG A 185 20.10 0.95 -1.82
N GLU A 186 21.01 0.09 -2.28
CA GLU A 186 22.13 -0.39 -1.47
C GLU A 186 23.08 0.76 -1.17
N LYS A 187 23.34 1.58 -2.20
CA LYS A 187 24.23 2.72 -2.09
C LYS A 187 23.67 3.71 -1.07
N VAL A 188 22.33 3.88 -1.09
CA VAL A 188 21.63 4.81 -0.21
C VAL A 188 21.70 4.33 1.23
N LEU A 189 21.47 3.02 1.44
CA LEU A 189 21.57 2.47 2.78
C LEU A 189 23.03 2.52 3.25
N THR A 190 23.96 2.27 2.34
CA THR A 190 25.35 2.38 2.73
C THR A 190 25.66 3.82 3.14
N SER A 191 25.20 4.78 2.31
CA SER A 191 25.44 6.21 2.49
C SER A 191 24.78 6.71 3.79
N SER A 192 23.63 6.11 4.11
CA SER A 192 22.93 6.42 5.36
C SER A 192 23.75 5.95 6.56
N ALA A 193 24.21 4.69 6.47
CA ALA A 193 24.93 3.99 7.52
C ALA A 193 26.22 4.74 7.85
N ARG A 194 26.94 5.10 6.79
CA ARG A 194 28.22 5.78 6.93
C ARG A 194 27.98 7.07 7.71
N GLN A 195 26.93 7.82 7.30
CA GLN A 195 26.67 9.14 7.85
C GLN A 195 26.28 9.05 9.31
N ARG A 196 25.41 8.10 9.66
CA ARG A 196 25.00 7.96 11.06
C ARG A 196 26.20 7.62 11.94
N LEU A 197 27.26 7.05 11.35
CA LEU A 197 28.45 6.74 12.13
C LEU A 197 29.23 8.02 12.37
N ARG A 198 29.22 8.93 11.40
CA ARG A 198 29.84 10.23 11.59
C ARG A 198 29.13 11.01 12.72
N CYS A 199 27.79 10.94 12.76
CA CYS A 199 27.01 11.69 13.73
C CYS A 199 27.15 11.13 15.14
N ALA A 200 27.44 9.82 15.22
CA ALA A 200 27.57 9.12 16.49
C ALA A 200 29.00 9.31 17.01
N SER A 201 29.96 9.40 16.09
CA SER A 201 31.31 9.72 16.49
C SER A 201 31.28 10.99 17.34
N ILE A 202 30.77 12.09 16.75
CA ILE A 202 30.84 13.42 17.37
C ILE A 202 29.98 13.41 18.64
N GLN A 203 28.74 12.92 18.49
CA GLN A 203 27.74 13.02 19.52
C GLN A 203 28.14 12.19 20.75
N LYS A 204 29.03 11.20 20.58
CA LYS A 204 29.33 10.24 21.65
C LYS A 204 30.82 10.17 21.95
N PHE A 205 31.69 10.78 21.13
CA PHE A 205 33.12 10.69 21.41
C PHE A 205 33.83 11.99 21.09
N GLY A 206 33.07 13.02 20.70
CA GLY A 206 33.64 14.33 20.45
C GLY A 206 34.08 14.47 19.00
N GLU A 207 34.33 15.72 18.59
CA GLU A 207 34.84 16.06 17.28
C GLU A 207 36.18 15.37 17.09
N ARG A 208 37.03 15.40 18.13
CA ARG A 208 38.35 14.80 18.15
C ARG A 208 38.29 13.47 17.41
N ALA A 209 37.29 12.65 17.79
CA ALA A 209 37.03 11.34 17.22
C ALA A 209 36.80 11.44 15.71
N LEU A 210 35.86 12.29 15.28
CA LEU A 210 35.47 12.38 13.89
C LEU A 210 36.55 13.04 13.03
N LYS A 211 37.39 13.88 13.67
CA LYS A 211 38.53 14.53 13.02
C LYS A 211 39.54 13.47 12.62
N ALA A 212 39.77 12.53 13.53
CA ALA A 212 40.72 11.44 13.29
C ALA A 212 40.19 10.48 12.22
N TRP A 213 38.90 10.12 12.28
CA TRP A 213 38.23 9.33 11.24
C TRP A 213 38.61 9.96 9.91
N SER A 214 38.70 11.30 9.90
CA SER A 214 38.97 12.08 8.69
C SER A 214 40.43 12.00 8.24
N VAL A 215 41.34 12.58 9.05
CA VAL A 215 42.77 12.55 8.80
C VAL A 215 43.13 11.26 8.06
N ALA A 216 42.88 10.12 8.75
CA ALA A 216 43.01 8.77 8.24
C ALA A 216 42.57 8.74 6.78
N ARG A 217 41.26 8.92 6.57
CA ARG A 217 40.68 8.66 5.26
C ARG A 217 41.29 9.59 4.20
N LEU A 218 41.54 10.86 4.56
CA LEU A 218 42.00 11.85 3.60
C LEU A 218 43.47 11.64 3.23
N SER A 219 44.28 11.28 4.23
CA SER A 219 45.69 10.98 4.00
C SER A 219 45.85 9.78 3.04
N GLN A 220 44.86 8.88 3.04
CA GLN A 220 44.80 7.79 2.07
C GLN A 220 44.45 8.33 0.69
N LYS A 221 43.44 9.21 0.60
CA LYS A 221 42.93 9.74 -0.68
C LYS A 221 44.02 10.55 -1.36
N PHE A 222 44.71 11.39 -0.54
CA PHE A 222 45.58 12.45 -1.03
C PHE A 222 46.96 12.39 -0.37
N PRO A 223 47.69 11.27 -0.49
CA PRO A 223 48.95 11.10 0.24
C PRO A 223 49.97 12.11 -0.28
N LYS A 224 49.62 12.74 -1.40
CA LYS A 224 50.51 13.67 -2.11
C LYS A 224 50.35 15.05 -1.47
N ALA A 225 49.47 15.14 -0.46
CA ALA A 225 49.18 16.41 0.19
C ALA A 225 50.04 16.56 1.44
N GLU A 226 50.40 17.82 1.77
CA GLU A 226 51.20 18.21 2.94
C GLU A 226 50.41 17.90 4.20
N PHE A 227 51.07 17.84 5.38
CA PHE A 227 50.27 17.68 6.59
C PHE A 227 49.45 18.94 6.85
N VAL A 228 49.97 20.10 6.43
CA VAL A 228 49.24 21.33 6.54
C VAL A 228 47.88 21.16 5.84
N GLU A 229 47.92 20.93 4.53
CA GLU A 229 46.74 20.83 3.67
C GLU A 229 45.68 19.95 4.32
N VAL A 230 46.14 18.83 4.85
CA VAL A 230 45.20 17.82 5.26
C VAL A 230 44.50 18.33 6.50
N THR A 231 45.19 19.14 7.32
CA THR A 231 44.54 19.65 8.53
C THR A 231 43.49 20.69 8.15
N LYS A 232 43.81 21.56 7.17
CA LYS A 232 42.83 22.47 6.60
C LYS A 232 41.63 21.66 6.14
N LEU A 233 41.87 20.78 5.17
CA LEU A 233 40.82 19.96 4.59
C LEU A 233 39.96 19.30 5.67
N VAL A 234 40.60 18.73 6.70
CA VAL A 234 39.87 18.02 7.73
C VAL A 234 38.95 18.99 8.46
N THR A 235 39.56 20.04 9.03
CA THR A 235 38.86 21.10 9.74
C THR A 235 37.53 21.41 9.05
N ASP A 236 37.63 21.74 7.75
CA ASP A 236 36.52 22.10 6.89
C ASP A 236 35.47 20.98 6.87
N LEU A 237 35.89 19.76 6.54
CA LEU A 237 34.98 18.63 6.43
C LEU A 237 34.35 18.27 7.78
N THR A 238 35.07 18.47 8.89
CA THR A 238 34.45 18.17 10.17
C THR A 238 33.29 19.12 10.44
N LYS A 239 33.47 20.40 10.07
CA LYS A 239 32.46 21.42 10.30
C LYS A 239 31.21 21.05 9.52
N VAL A 240 31.39 20.65 8.26
CA VAL A 240 30.28 20.20 7.43
C VAL A 240 29.51 19.10 8.19
N HIS A 241 30.27 18.18 8.77
CA HIS A 241 29.66 17.00 9.36
C HIS A 241 29.02 17.34 10.70
N LYS A 242 29.71 18.17 11.49
CA LYS A 242 29.11 18.74 12.69
C LYS A 242 27.80 19.43 12.29
N GLU A 243 27.83 20.21 11.22
CA GLU A 243 26.65 20.89 10.71
C GLU A 243 25.54 19.89 10.36
N CYS A 244 25.77 18.97 9.44
CA CYS A 244 24.68 18.10 9.05
C CYS A 244 24.13 17.27 10.21
N CYS A 245 24.85 17.23 11.34
CA CYS A 245 24.50 16.25 12.35
C CYS A 245 23.56 16.92 13.33
N HIS A 246 23.93 18.16 13.71
CA HIS A 246 23.10 18.99 14.55
C HIS A 246 21.91 19.58 13.79
N GLY A 247 21.85 19.34 12.47
CA GLY A 247 20.63 19.60 11.73
C GLY A 247 20.57 20.93 10.98
N ASP A 248 21.59 21.80 11.12
CA ASP A 248 21.65 23.01 10.31
C ASP A 248 22.07 22.65 8.89
N LEU A 249 21.11 22.16 8.09
CA LEU A 249 21.39 21.46 6.83
C LEU A 249 21.82 22.45 5.77
N LEU A 250 21.21 23.64 5.78
CA LEU A 250 21.54 24.62 4.77
C LEU A 250 23.00 25.02 4.95
N GLU A 251 23.43 25.24 6.20
CA GLU A 251 24.80 25.61 6.47
C GLU A 251 25.71 24.46 6.02
N CYS A 252 25.23 23.23 6.25
CA CYS A 252 25.94 22.02 5.88
C CYS A 252 26.20 22.05 4.38
N ALA A 253 25.11 22.09 3.61
CA ALA A 253 25.17 22.00 2.16
C ALA A 253 26.06 23.10 1.60
N ASP A 254 26.07 24.24 2.29
CA ASP A 254 26.87 25.36 1.86
C ASP A 254 28.32 24.94 2.00
N ASP A 255 28.82 24.93 3.25
CA ASP A 255 30.21 24.60 3.57
C ASP A 255 30.76 23.47 2.68
N ARG A 256 29.96 22.41 2.49
CA ARG A 256 30.32 21.25 1.67
C ARG A 256 30.62 21.70 0.25
N ALA A 257 29.71 22.48 -0.33
CA ALA A 257 29.94 23.02 -1.66
C ALA A 257 31.14 23.97 -1.67
N ASP A 258 31.39 24.66 -0.55
CA ASP A 258 32.50 25.59 -0.54
C ASP A 258 33.78 24.76 -0.53
N LEU A 259 33.72 23.61 0.16
CA LEU A 259 34.87 22.71 0.22
C LEU A 259 35.20 22.15 -1.17
N ALA A 260 34.19 21.64 -1.87
CA ALA A 260 34.35 21.16 -3.23
C ALA A 260 35.01 22.22 -4.11
N LYS A 261 34.48 23.44 -4.08
CA LYS A 261 35.03 24.58 -4.80
C LYS A 261 36.52 24.70 -4.47
N TYR A 262 36.86 24.72 -3.16
CA TYR A 262 38.22 24.91 -2.67
C TYR A 262 39.19 23.83 -3.17
N ILE A 263 38.71 22.58 -3.10
CA ILE A 263 39.49 21.40 -3.35
C ILE A 263 39.92 21.40 -4.81
N CYS A 264 39.01 21.76 -5.71
CA CYS A 264 39.31 21.87 -7.13
C CYS A 264 40.14 23.12 -7.39
N ASP A 265 40.00 24.10 -6.52
CA ASP A 265 40.74 25.33 -6.69
C ASP A 265 42.16 25.10 -6.19
N ASN A 266 42.51 23.86 -5.90
CA ASN A 266 43.79 23.64 -5.27
C ASN A 266 44.38 22.28 -5.61
N GLN A 267 43.80 21.60 -6.60
CA GLN A 267 44.10 20.19 -6.76
C GLN A 267 45.60 20.00 -6.96
N ASP A 268 46.27 21.08 -7.37
CA ASP A 268 47.72 21.12 -7.54
C ASP A 268 48.48 20.81 -6.25
N THR A 269 47.85 20.96 -5.09
CA THR A 269 48.53 20.66 -3.84
C THR A 269 47.72 19.66 -3.01
N ILE A 270 46.98 18.78 -3.70
CA ILE A 270 46.15 17.77 -3.07
C ILE A 270 46.20 16.41 -3.81
N SER A 271 45.77 16.32 -5.08
CA SER A 271 45.75 15.05 -5.80
C SER A 271 45.65 15.22 -7.31
N SER A 272 46.34 14.33 -8.03
CA SER A 272 46.28 14.29 -9.48
C SER A 272 44.99 13.64 -9.96
N LYS A 273 44.24 13.01 -9.05
CA LYS A 273 43.07 12.22 -9.42
C LYS A 273 41.81 13.06 -9.52
N LEU A 274 41.95 14.39 -9.55
CA LEU A 274 40.80 15.23 -9.25
C LEU A 274 40.18 15.88 -10.48
N LYS A 275 40.91 15.89 -11.60
CA LYS A 275 40.46 16.55 -12.82
C LYS A 275 39.08 16.03 -13.22
N GLU A 276 38.85 14.71 -13.09
CA GLU A 276 37.61 14.10 -13.54
C GLU A 276 36.41 14.62 -12.74
N CYS A 277 36.57 14.68 -11.41
CA CYS A 277 35.54 15.20 -10.51
C CYS A 277 35.30 16.68 -10.81
N CYS A 278 36.38 17.46 -10.83
CA CYS A 278 36.30 18.90 -10.90
C CYS A 278 35.82 19.36 -12.27
N ASP A 279 34.98 18.54 -12.88
CA ASP A 279 34.28 18.95 -14.09
C ASP A 279 32.78 19.01 -13.82
N LYS A 280 32.32 18.29 -12.80
CA LYS A 280 30.90 17.98 -12.76
C LYS A 280 30.10 19.17 -12.27
N PRO A 281 28.78 19.18 -12.52
CA PRO A 281 27.82 19.95 -11.72
C PRO A 281 27.97 19.88 -10.21
N LEU A 282 27.28 20.76 -9.49
CA LEU A 282 27.62 21.06 -8.12
C LEU A 282 27.66 19.81 -7.22
N LEU A 283 26.59 19.00 -7.26
CA LEU A 283 26.39 17.95 -6.28
C LEU A 283 27.13 16.69 -6.71
N GLU A 284 27.17 16.49 -8.03
CA GLU A 284 27.87 15.40 -8.69
C GLU A 284 29.36 15.53 -8.37
N LYS A 285 29.85 16.76 -8.40
CA LYS A 285 31.25 17.05 -8.13
C LYS A 285 31.66 16.55 -6.75
N SER A 286 30.82 16.79 -5.72
CA SER A 286 31.16 16.53 -4.33
C SER A 286 31.13 15.03 -4.10
N HIS A 287 30.14 14.38 -4.70
CA HIS A 287 29.99 12.94 -4.64
C HIS A 287 31.22 12.26 -5.25
N CYS A 288 31.64 12.74 -6.43
CA CYS A 288 32.80 12.19 -7.10
C CYS A 288 34.07 12.42 -6.28
N ILE A 289 34.15 13.53 -5.54
CA ILE A 289 35.37 13.80 -4.79
C ILE A 289 35.46 12.80 -3.64
N ALA A 290 34.30 12.54 -3.02
CA ALA A 290 34.15 11.62 -1.90
C ALA A 290 34.73 10.26 -2.26
N GLU A 291 34.32 9.77 -3.44
CA GLU A 291 34.69 8.45 -3.94
C GLU A 291 35.72 8.64 -5.04
N VAL A 292 36.79 9.38 -4.76
CA VAL A 292 37.82 9.54 -5.77
C VAL A 292 38.76 8.34 -5.68
N GLU A 293 39.38 7.99 -6.82
CA GLU A 293 40.56 7.13 -6.82
C GLU A 293 41.61 7.76 -5.90
N LYS A 294 42.28 6.90 -5.12
CA LYS A 294 43.38 7.33 -4.28
C LYS A 294 44.54 7.72 -5.18
N ASP A 295 45.47 8.52 -4.64
CA ASP A 295 46.60 9.05 -5.38
C ASP A 295 47.80 8.17 -5.14
N ALA A 296 48.74 8.14 -6.08
CA ALA A 296 49.99 7.41 -5.88
C ALA A 296 50.74 7.99 -4.68
N ILE A 297 51.19 7.08 -3.80
CA ILE A 297 51.94 7.39 -2.60
C ILE A 297 53.26 8.04 -3.03
N PRO A 298 53.73 9.17 -2.43
CA PRO A 298 55.03 9.75 -2.79
C PRO A 298 56.16 8.74 -2.59
N GLU A 299 57.15 8.82 -3.49
CA GLU A 299 58.19 7.82 -3.62
C GLU A 299 59.06 7.71 -2.36
N ASN A 300 59.98 8.66 -2.17
CA ASN A 300 61.08 8.46 -1.24
C ASN A 300 60.78 9.00 0.16
N LEU A 301 59.64 8.61 0.76
CA LEU A 301 59.35 8.94 2.16
C LEU A 301 60.26 8.15 3.09
N PRO A 302 60.86 8.77 4.13
CA PRO A 302 61.57 8.03 5.18
C PRO A 302 60.78 6.84 5.74
N PRO A 303 61.42 5.86 6.42
CA PRO A 303 60.63 4.88 7.15
C PRO A 303 60.01 5.61 8.34
N LEU A 304 58.80 5.19 8.74
CA LEU A 304 58.10 5.76 9.88
C LEU A 304 58.93 5.64 11.15
N THR A 305 59.59 4.49 11.28
CA THR A 305 60.29 4.07 12.47
C THR A 305 61.34 5.13 12.85
N ALA A 306 61.57 6.09 11.96
CA ALA A 306 62.58 7.13 12.16
C ALA A 306 62.01 8.26 13.04
N ASP A 307 60.79 8.69 12.72
CA ASP A 307 60.21 9.90 13.31
C ASP A 307 59.58 9.59 14.66
N PHE A 308 59.12 8.35 14.85
CA PHE A 308 58.20 8.07 15.94
C PHE A 308 58.68 6.96 16.87
N ALA A 309 59.96 6.55 16.76
CA ALA A 309 60.52 5.49 17.59
C ALA A 309 62.05 5.62 17.74
N GLU A 310 62.75 5.83 16.63
CA GLU A 310 64.21 5.99 16.63
C GLU A 310 64.58 7.37 17.15
N ASP A 311 63.75 8.37 16.84
CA ASP A 311 63.96 9.76 17.20
C ASP A 311 64.12 9.89 18.71
N LYS A 312 64.97 10.84 19.14
CA LYS A 312 65.36 11.04 20.52
C LYS A 312 64.27 11.77 21.33
N ASP A 313 63.73 12.86 20.78
CA ASP A 313 62.88 13.77 21.56
C ASP A 313 61.40 13.55 21.25
N VAL A 314 60.98 12.29 21.17
CA VAL A 314 59.62 11.97 20.76
C VAL A 314 58.66 12.30 21.91
N CYS A 315 59.01 11.86 23.13
CA CYS A 315 58.21 12.15 24.32
C CYS A 315 57.97 13.64 24.45
N LYS A 316 59.02 14.40 24.10
CA LYS A 316 59.10 15.84 24.22
C LYS A 316 58.10 16.49 23.26
N ASN A 317 58.21 16.17 21.97
CA ASN A 317 57.30 16.69 20.95
C ASN A 317 55.86 16.34 21.31
N TYR A 318 55.69 15.13 21.85
CA TYR A 318 54.37 14.62 22.15
C TYR A 318 53.74 15.46 23.27
N GLN A 319 54.57 15.86 24.25
CA GLN A 319 54.08 16.68 25.35
C GLN A 319 53.78 18.11 24.87
N GLU A 320 54.51 18.58 23.85
CA GLU A 320 54.41 19.95 23.36
C GLU A 320 53.06 20.17 22.68
N ALA A 321 52.69 19.30 21.73
CA ALA A 321 51.42 19.46 21.04
C ALA A 321 50.75 18.10 20.90
N LYS A 322 50.18 17.62 22.02
CA LYS A 322 49.53 16.33 22.16
C LYS A 322 48.89 15.89 20.85
N ASP A 323 47.87 16.65 20.42
CA ASP A 323 46.97 16.21 19.37
C ASP A 323 47.63 16.36 18.01
N ALA A 324 48.39 17.46 17.83
CA ALA A 324 49.11 17.72 16.60
C ALA A 324 50.07 16.58 16.33
N PHE A 325 50.94 16.28 17.31
CA PHE A 325 51.91 15.23 17.14
C PHE A 325 51.21 13.94 16.74
N LEU A 326 50.16 13.56 17.50
CA LEU A 326 49.42 12.33 17.26
C LEU A 326 48.74 12.40 15.90
N GLY A 327 48.19 13.56 15.56
CA GLY A 327 47.63 13.75 14.23
C GLY A 327 48.69 13.44 13.16
N SER A 328 49.84 14.09 13.32
CA SER A 328 51.01 13.90 12.48
C SER A 328 51.24 12.41 12.21
N PHE A 329 51.37 11.62 13.28
CA PHE A 329 51.47 10.17 13.16
C PHE A 329 50.36 9.67 12.24
N LEU A 330 49.11 9.97 12.61
CA LEU A 330 47.97 9.35 11.93
C LEU A 330 48.10 9.59 10.43
N TYR A 331 48.57 10.80 10.07
CA TYR A 331 48.72 11.21 8.68
C TYR A 331 49.84 10.40 8.02
N GLU A 332 51.04 10.47 8.61
CA GLU A 332 52.24 9.90 8.01
C GLU A 332 52.06 8.41 7.76
N TYR A 333 51.36 7.76 8.69
CA TYR A 333 51.08 6.34 8.64
C TYR A 333 49.96 6.05 7.65
N SER A 334 48.97 6.96 7.59
CA SER A 334 47.79 6.76 6.75
C SER A 334 48.14 6.90 5.28
N ARG A 335 49.07 7.80 4.96
CA ARG A 335 49.29 8.10 3.56
C ARG A 335 50.12 6.99 2.93
N ARG A 336 51.02 6.45 3.75
CA ARG A 336 51.88 5.37 3.37
C ARG A 336 51.06 4.12 3.05
N HIS A 337 50.01 3.85 3.84
CA HIS A 337 49.36 2.54 3.77
C HIS A 337 47.91 2.66 3.29
N PRO A 338 47.61 2.84 1.97
CA PRO A 338 46.22 2.86 1.50
C PRO A 338 45.48 1.55 1.77
N GLU A 339 46.24 0.47 1.89
CA GLU A 339 45.71 -0.87 1.90
C GLU A 339 45.14 -1.23 3.28
N TYR A 340 45.51 -0.49 4.32
CA TYR A 340 44.97 -0.75 5.64
C TYR A 340 43.55 -0.21 5.70
N ALA A 341 42.70 -0.80 6.54
CA ALA A 341 41.38 -0.21 6.71
C ALA A 341 41.49 1.05 7.57
N VAL A 342 40.54 1.96 7.38
CA VAL A 342 40.54 3.18 8.16
C VAL A 342 40.44 2.83 9.64
N SER A 343 39.57 1.86 9.93
CA SER A 343 39.29 1.46 11.29
C SER A 343 40.57 0.94 11.96
N VAL A 344 41.43 0.24 11.19
CA VAL A 344 42.66 -0.36 11.70
C VAL A 344 43.67 0.74 11.99
N LEU A 345 43.77 1.68 11.03
CA LEU A 345 44.72 2.77 11.08
C LEU A 345 44.54 3.54 12.38
N LEU A 346 43.26 3.78 12.72
CA LEU A 346 42.89 4.52 13.90
C LEU A 346 43.23 3.73 15.16
N ARG A 347 43.15 2.39 15.08
CA ARG A 347 43.50 1.51 16.19
C ARG A 347 44.99 1.63 16.44
N LEU A 348 45.74 1.71 15.35
CA LEU A 348 47.19 1.87 15.43
C LEU A 348 47.51 3.15 16.18
N ALA A 349 46.67 4.17 15.95
CA ALA A 349 46.81 5.52 16.47
C ALA A 349 46.55 5.55 17.98
N LYS A 350 45.44 4.96 18.44
CA LYS A 350 45.14 4.91 19.86
C LYS A 350 46.23 4.12 20.58
N GLU A 351 46.64 3.01 19.97
CA GLU A 351 47.69 2.18 20.53
C GLU A 351 48.98 3.00 20.65
N TYR A 352 49.34 3.69 19.56
CA TYR A 352 50.53 4.52 19.62
C TYR A 352 50.41 5.51 20.78
N GLU A 353 49.20 6.09 20.91
CA GLU A 353 48.91 7.05 21.97
C GLU A 353 49.18 6.40 23.33
N ALA A 354 48.61 5.21 23.51
CA ALA A 354 48.79 4.44 24.73
C ALA A 354 50.27 4.15 25.01
N THR A 355 51.04 3.80 23.96
CA THR A 355 52.43 3.44 24.19
C THR A 355 53.23 4.66 24.69
N LEU A 356 52.86 5.85 24.21
CA LEU A 356 53.62 7.05 24.50
C LEU A 356 53.32 7.55 25.91
N GLU A 357 52.01 7.57 26.22
CA GLU A 357 51.42 7.94 27.49
C GLU A 357 51.97 7.08 28.64
N GLU A 358 52.21 5.78 28.38
CA GLU A 358 52.87 4.94 29.35
C GLU A 358 54.37 5.25 29.38
N CYS A 359 55.00 5.36 28.20
CA CYS A 359 56.46 5.35 28.14
C CYS A 359 57.06 6.68 28.57
N CYS A 360 56.25 7.75 28.55
CA CYS A 360 56.77 9.09 28.79
C CYS A 360 57.02 9.35 30.28
N ALA A 361 56.13 8.80 31.13
CA ALA A 361 56.22 8.95 32.58
C ALA A 361 57.22 7.97 33.20
N LYS A 362 58.05 7.33 32.36
CA LYS A 362 59.01 6.30 32.77
C LYS A 362 60.43 6.86 32.84
N ASP A 363 61.33 6.04 33.39
CA ASP A 363 62.73 6.38 33.63
C ASP A 363 63.47 6.72 32.34
N ASP A 364 63.64 5.72 31.47
CA ASP A 364 64.40 5.80 30.22
C ASP A 364 63.40 5.71 29.08
N PRO A 365 62.59 6.76 28.83
CA PRO A 365 61.46 6.67 27.91
C PRO A 365 61.73 6.17 26.50
N HIS A 366 62.91 6.49 25.94
CA HIS A 366 63.29 6.03 24.60
C HIS A 366 63.37 4.49 24.57
N ALA A 367 64.06 3.89 25.57
CA ALA A 367 64.27 2.46 25.68
C ALA A 367 62.91 1.74 25.64
N CYS A 368 61.89 2.44 26.15
CA CYS A 368 60.54 1.95 26.29
C CYS A 368 59.79 2.04 24.95
N TYR A 369 59.89 3.19 24.24
CA TYR A 369 59.05 3.44 23.07
C TYR A 369 59.70 2.99 21.76
N SER A 370 61.00 2.67 21.81
CA SER A 370 61.83 2.22 20.71
C SER A 370 61.15 1.11 19.91
N THR A 371 60.45 0.23 20.63
CA THR A 371 59.85 -0.97 20.08
C THR A 371 58.34 -0.82 20.14
N VAL A 372 57.83 0.29 19.58
CA VAL A 372 56.40 0.49 19.53
C VAL A 372 55.88 -0.23 18.28
N PHE A 373 56.68 -0.27 17.22
CA PHE A 373 56.24 -0.82 15.95
C PHE A 373 56.07 -2.32 16.08
N ASP A 374 56.35 -2.81 17.28
CA ASP A 374 56.21 -4.21 17.66
C ASP A 374 54.81 -4.47 18.22
N LYS A 375 54.38 -3.69 19.22
CA LYS A 375 53.01 -3.81 19.67
C LYS A 375 52.07 -3.36 18.54
N LEU A 376 52.67 -2.79 17.48
CA LEU A 376 51.91 -2.16 16.39
C LEU A 376 51.57 -3.17 15.31
N LYS A 377 52.54 -3.97 14.86
CA LYS A 377 52.27 -4.96 13.83
C LYS A 377 51.18 -5.93 14.28
N HIS A 378 51.19 -6.21 15.58
CA HIS A 378 50.33 -7.07 16.38
C HIS A 378 48.85 -6.72 16.21
N LEU A 379 48.57 -5.55 15.62
CA LEU A 379 47.19 -5.12 15.54
C LEU A 379 46.76 -4.97 14.08
N VAL A 380 47.54 -5.57 13.17
CA VAL A 380 47.20 -5.67 11.76
C VAL A 380 46.88 -7.13 11.42
N ASP A 381 47.21 -8.04 12.35
CA ASP A 381 47.12 -9.47 12.16
C ASP A 381 45.89 -10.02 12.86
N GLU A 382 45.57 -9.42 14.02
CA GLU A 382 44.35 -9.72 14.75
C GLU A 382 43.17 -9.76 13.77
N PRO A 383 42.86 -8.69 12.98
CA PRO A 383 41.73 -8.73 12.06
C PRO A 383 41.86 -9.78 10.95
N GLN A 384 43.12 -10.18 10.67
CA GLN A 384 43.47 -10.89 9.45
C GLN A 384 43.03 -12.35 9.48
N ASN A 385 43.01 -12.94 10.68
CA ASN A 385 42.66 -14.34 10.86
C ASN A 385 41.14 -14.52 10.92
N LEU A 386 40.42 -13.52 11.45
CA LEU A 386 38.98 -13.64 11.64
C LEU A 386 38.26 -13.41 10.31
N ILE A 387 38.85 -12.63 9.38
CA ILE A 387 38.33 -12.60 8.02
C ILE A 387 38.48 -13.97 7.37
N LYS A 388 39.67 -14.61 7.47
CA LYS A 388 39.96 -15.90 6.85
C LYS A 388 38.79 -16.84 7.08
N GLN A 389 38.32 -16.89 8.33
CA GLN A 389 37.29 -17.82 8.76
C GLN A 389 35.98 -17.46 8.07
N ASN A 390 35.69 -16.16 8.03
CA ASN A 390 34.41 -15.65 7.60
C ASN A 390 34.22 -15.90 6.12
N CYS A 391 35.31 -15.66 5.38
CA CYS A 391 35.20 -15.83 3.95
C CYS A 391 35.22 -17.32 3.60
N ASP A 392 35.92 -18.10 4.43
CA ASP A 392 35.89 -19.56 4.36
C ASP A 392 34.46 -20.04 4.63
N GLN A 393 33.80 -19.40 5.59
CA GLN A 393 32.44 -19.76 5.98
C GLN A 393 31.41 -19.24 4.98
N PHE A 394 31.58 -18.01 4.49
CA PHE A 394 30.63 -17.48 3.54
C PHE A 394 30.57 -18.39 2.31
N GLU A 395 31.74 -18.68 1.73
CA GLU A 395 31.80 -19.40 0.47
C GLU A 395 31.22 -20.81 0.63
N LYS A 396 31.37 -21.39 1.84
CA LYS A 396 30.99 -22.76 2.15
C LYS A 396 29.54 -22.87 2.62
N LEU A 397 28.82 -21.72 2.73
CA LEU A 397 27.46 -21.63 3.25
C LEU A 397 26.52 -20.75 2.42
N GLY A 398 27.07 -19.85 1.56
CA GLY A 398 26.26 -18.91 0.78
C GLY A 398 25.68 -17.83 1.68
N GLU A 399 24.99 -16.83 1.11
CA GLU A 399 24.66 -15.63 1.89
C GLU A 399 23.69 -15.92 3.02
N TYR A 400 22.52 -16.50 2.68
CA TYR A 400 21.47 -16.69 3.67
C TYR A 400 21.94 -17.68 4.73
N GLY A 401 22.84 -18.59 4.33
CA GLY A 401 23.26 -19.65 5.23
C GLY A 401 24.25 -19.13 6.27
N PHE A 402 25.16 -18.27 5.79
CA PHE A 402 26.14 -17.63 6.63
C PHE A 402 25.40 -16.77 7.63
N GLN A 403 24.33 -16.09 7.15
CA GLN A 403 23.52 -15.16 7.92
C GLN A 403 22.94 -15.87 9.14
N ASN A 404 22.51 -17.11 8.93
CA ASN A 404 21.86 -17.90 9.98
C ASN A 404 22.89 -18.36 11.03
N ALA A 405 24.13 -18.55 10.59
CA ALA A 405 25.23 -18.93 11.46
C ALA A 405 25.55 -17.77 12.40
N LEU A 406 25.51 -16.56 11.83
CA LEU A 406 25.68 -15.32 12.55
C LEU A 406 24.55 -15.11 13.54
N ILE A 407 23.29 -15.32 13.10
CA ILE A 407 22.17 -15.23 14.02
C ILE A 407 22.46 -16.01 15.29
N VAL A 408 22.94 -17.25 15.10
CA VAL A 408 23.22 -18.17 16.19
C VAL A 408 24.35 -17.62 17.06
N ARG A 409 25.42 -17.09 16.43
CA ARG A 409 26.58 -16.62 17.18
C ARG A 409 26.20 -15.43 18.04
N TYR A 410 25.44 -14.50 17.44
CA TYR A 410 25.08 -13.22 18.05
C TYR A 410 24.06 -13.46 19.16
N THR A 411 23.02 -14.27 18.89
CA THR A 411 22.01 -14.57 19.90
C THR A 411 22.64 -15.24 21.13
N ARG A 412 23.73 -15.99 20.92
CA ARG A 412 24.47 -16.57 22.02
C ARG A 412 25.31 -15.51 22.74
N LYS A 413 25.92 -14.61 21.96
CA LYS A 413 26.84 -13.58 22.46
C LYS A 413 26.14 -12.64 23.43
N VAL A 414 24.97 -12.14 23.00
CA VAL A 414 24.22 -11.08 23.67
C VAL A 414 22.74 -11.42 23.55
N PRO A 415 22.27 -12.50 24.23
CA PRO A 415 20.91 -13.01 24.08
C PRO A 415 19.89 -11.96 24.52
N GLN A 416 20.41 -10.93 25.16
CA GLN A 416 19.66 -9.88 25.80
C GLN A 416 18.97 -9.03 24.74
N VAL A 417 19.61 -8.86 23.58
CA VAL A 417 19.26 -7.83 22.61
C VAL A 417 17.93 -8.15 21.95
N SER A 418 17.20 -7.10 21.53
CA SER A 418 15.87 -7.21 20.96
C SER A 418 15.88 -8.16 19.76
N THR A 419 14.93 -9.10 19.73
CA THR A 419 14.86 -10.06 18.64
C THR A 419 14.96 -9.33 17.30
N PRO A 420 14.03 -8.39 16.99
CA PRO A 420 14.16 -7.55 15.80
C PRO A 420 15.54 -6.96 15.47
N THR A 421 16.35 -6.62 16.51
CA THR A 421 17.66 -6.00 16.32
C THR A 421 18.62 -7.08 15.83
N LEU A 422 18.60 -8.22 16.53
CA LEU A 422 19.46 -9.36 16.27
C LEU A 422 19.22 -9.88 14.85
N VAL A 423 17.96 -9.82 14.41
CA VAL A 423 17.65 -10.30 13.07
C VAL A 423 18.25 -9.31 12.06
N GLU A 424 18.01 -8.00 12.26
CA GLU A 424 18.42 -7.02 11.27
C GLU A 424 19.94 -6.91 11.26
N VAL A 425 20.56 -7.07 12.44
CA VAL A 425 22.01 -6.91 12.56
C VAL A 425 22.70 -8.10 11.89
N SER A 426 22.22 -9.30 12.21
CA SER A 426 22.90 -10.49 11.74
C SER A 426 22.80 -10.56 10.24
N ARG A 427 21.64 -10.11 9.73
CA ARG A 427 21.40 -10.09 8.30
C ARG A 427 22.42 -9.20 7.61
N SER A 428 22.85 -8.12 8.29
CA SER A 428 23.75 -7.18 7.66
C SER A 428 25.20 -7.64 7.81
N LEU A 429 25.50 -8.31 8.90
CA LEU A 429 26.83 -8.87 9.03
C LEU A 429 27.01 -9.95 7.96
N GLY A 430 25.92 -10.66 7.66
CA GLY A 430 25.90 -11.63 6.58
C GLY A 430 26.29 -11.03 5.22
N LYS A 431 25.66 -9.90 4.84
CA LYS A 431 25.77 -9.36 3.48
C LYS A 431 27.21 -8.90 3.26
N VAL A 432 27.96 -8.86 4.37
CA VAL A 432 29.33 -8.40 4.35
C VAL A 432 30.19 -9.42 3.62
N GLY A 433 29.92 -10.71 3.88
CA GLY A 433 30.49 -11.79 3.11
C GLY A 433 30.38 -11.47 1.62
N THR A 434 29.15 -11.31 1.18
CA THR A 434 28.89 -11.13 -0.23
C THR A 434 29.49 -9.81 -0.75
N ARG A 435 29.79 -8.85 0.14
CA ARG A 435 30.41 -7.61 -0.33
C ARG A 435 31.91 -7.80 -0.52
N CYS A 436 32.56 -8.52 0.41
CA CYS A 436 34.01 -8.43 0.58
C CYS A 436 34.78 -9.66 0.10
N CYS A 437 34.31 -10.86 0.45
CA CYS A 437 35.01 -12.13 0.15
C CYS A 437 35.27 -12.27 -1.35
N THR A 438 34.32 -11.80 -2.16
CA THR A 438 34.45 -11.64 -3.60
C THR A 438 35.70 -10.83 -3.96
N LYS A 439 35.97 -9.73 -3.26
CA LYS A 439 37.03 -8.80 -3.60
C LYS A 439 38.40 -9.47 -3.44
N PRO A 440 39.38 -9.11 -4.31
CA PRO A 440 40.76 -9.59 -4.27
C PRO A 440 41.39 -9.80 -2.89
N GLU A 441 41.87 -11.05 -2.67
CA GLU A 441 42.36 -11.59 -1.41
C GLU A 441 42.95 -10.55 -0.47
N SER A 442 43.71 -9.59 -1.00
CA SER A 442 44.39 -8.65 -0.11
C SER A 442 43.55 -7.40 0.13
N GLU A 443 42.50 -7.19 -0.69
CA GLU A 443 41.57 -6.08 -0.52
C GLU A 443 40.57 -6.37 0.59
N ARG A 444 40.64 -7.59 1.16
CA ARG A 444 39.56 -8.21 1.92
C ARG A 444 39.31 -7.51 3.26
N MET A 445 40.25 -7.68 4.19
CA MET A 445 40.25 -7.11 5.53
C MET A 445 39.76 -5.64 5.57
N PRO A 446 40.22 -4.69 4.74
CA PRO A 446 39.73 -3.32 4.82
C PRO A 446 38.24 -3.22 4.47
N CYS A 447 37.81 -4.00 3.48
CA CYS A 447 36.42 -3.92 3.04
C CYS A 447 35.54 -4.33 4.21
N THR A 448 35.95 -5.39 4.91
CA THR A 448 35.18 -5.99 5.99
C THR A 448 35.29 -5.08 7.21
N GLU A 449 36.48 -4.54 7.44
CA GLU A 449 36.65 -3.63 8.58
C GLU A 449 35.75 -2.39 8.49
N ASP A 450 35.65 -1.78 7.30
CA ASP A 450 34.77 -0.66 7.09
C ASP A 450 33.33 -1.09 7.34
N TYR A 451 32.83 -2.11 6.62
CA TYR A 451 31.40 -2.36 6.70
C TYR A 451 30.97 -2.77 8.09
N LEU A 452 31.85 -3.45 8.82
CA LEU A 452 31.50 -3.90 10.16
C LEU A 452 31.39 -2.68 11.07
N SER A 453 32.23 -1.68 10.77
CA SER A 453 32.25 -0.42 11.49
C SER A 453 30.85 0.21 11.47
N LEU A 454 30.26 0.29 10.27
CA LEU A 454 28.91 0.82 10.08
C LEU A 454 27.93 -0.09 10.81
N ILE A 455 27.86 -1.35 10.39
CA ILE A 455 26.82 -2.24 10.86
C ILE A 455 26.86 -2.34 12.39
N LEU A 456 28.05 -2.44 12.98
CA LEU A 456 28.13 -2.58 14.43
C LEU A 456 27.57 -1.33 15.10
N ASN A 457 27.85 -0.16 14.50
CA ASN A 457 27.33 1.12 14.97
C ASN A 457 25.81 1.10 14.91
N ARG A 458 25.27 0.60 13.81
CA ARG A 458 23.83 0.48 13.73
C ARG A 458 23.28 -0.25 14.95
N LEU A 459 24.00 -1.31 15.37
CA LEU A 459 23.56 -2.12 16.50
C LEU A 459 23.55 -1.24 17.76
N CYS A 460 24.63 -0.48 17.92
CA CYS A 460 24.87 0.33 19.09
C CYS A 460 23.84 1.44 19.16
N VAL A 461 23.41 1.89 17.99
CA VAL A 461 22.51 3.02 17.83
C VAL A 461 21.10 2.58 18.21
N LEU A 462 20.71 1.37 17.78
CA LEU A 462 19.41 0.87 18.14
C LEU A 462 19.42 0.51 19.62
N HIS A 463 20.58 0.10 20.14
CA HIS A 463 20.65 -0.43 21.49
C HIS A 463 20.66 0.71 22.49
N GLU A 464 21.51 1.70 22.24
CA GLU A 464 21.67 2.86 23.13
C GLU A 464 20.31 3.45 23.50
N LYS A 465 19.38 3.45 22.53
CA LYS A 465 18.04 4.04 22.62
C LYS A 465 17.24 3.44 23.78
N THR A 466 17.26 2.12 23.87
CA THR A 466 16.48 1.37 24.86
C THR A 466 17.31 0.13 25.25
N PRO A 467 18.24 0.29 26.23
CA PRO A 467 19.33 -0.67 26.45
C PRO A 467 18.94 -1.95 27.17
N VAL A 468 19.65 -3.04 26.86
CA VAL A 468 19.34 -4.32 27.48
C VAL A 468 20.60 -5.12 27.80
N SER A 469 21.64 -5.09 26.95
CA SER A 469 22.82 -5.92 27.22
C SER A 469 23.98 -5.07 27.68
N GLU A 470 24.40 -5.22 28.95
CA GLU A 470 25.53 -4.46 29.41
C GLU A 470 26.71 -4.77 28.50
N LYS A 471 26.68 -5.97 27.92
CA LYS A 471 27.74 -6.43 27.03
C LYS A 471 27.79 -5.55 25.78
N VAL A 472 26.61 -5.25 25.24
CA VAL A 472 26.47 -4.40 24.06
C VAL A 472 26.92 -2.99 24.41
N THR A 473 26.40 -2.47 25.53
CA THR A 473 26.72 -1.12 25.95
C THR A 473 28.21 -0.99 26.24
N LYS A 474 28.74 -1.90 27.06
CA LYS A 474 30.17 -1.83 27.38
C LYS A 474 30.94 -1.72 26.08
N CYS A 475 30.54 -2.52 25.09
CA CYS A 475 31.33 -2.59 23.87
C CYS A 475 31.15 -1.32 23.05
N CYS A 476 29.94 -0.75 23.12
CA CYS A 476 29.52 0.36 22.25
C CYS A 476 30.18 1.67 22.65
N THR A 477 30.48 1.79 23.93
CA THR A 477 30.82 3.05 24.57
C THR A 477 32.30 3.12 24.94
N GLU A 478 32.93 1.96 25.14
CA GLU A 478 34.30 1.89 25.61
C GLU A 478 35.26 2.39 24.53
N SER A 479 34.93 2.15 23.27
CA SER A 479 35.80 2.60 22.21
C SER A 479 35.00 2.80 20.94
N LEU A 480 35.55 3.56 20.00
CA LEU A 480 34.87 3.63 18.72
C LEU A 480 35.54 2.70 17.71
N VAL A 481 36.89 2.68 17.78
CA VAL A 481 37.76 1.96 16.86
C VAL A 481 37.77 0.48 17.19
N ASN A 482 37.80 0.19 18.49
CA ASN A 482 37.97 -1.16 19.01
C ASN A 482 36.60 -1.80 19.22
N ARG A 483 35.55 -1.19 18.66
CA ARG A 483 34.23 -1.78 18.72
C ARG A 483 34.24 -3.17 18.09
N ARG A 484 34.89 -3.31 16.91
CA ARG A 484 34.78 -4.57 16.21
C ARG A 484 35.46 -5.72 16.96
N PRO A 485 36.76 -5.61 17.35
CA PRO A 485 37.39 -6.60 18.22
C PRO A 485 36.57 -6.93 19.47
N CYS A 486 36.08 -5.89 20.17
CA CYS A 486 35.31 -5.98 21.40
C CYS A 486 34.19 -7.01 21.27
N PHE A 487 33.54 -7.08 20.09
CA PHE A 487 32.40 -7.98 19.92
C PHE A 487 32.84 -9.41 19.63
N SER A 488 33.89 -9.57 18.83
CA SER A 488 34.51 -10.87 18.60
C SER A 488 34.85 -11.52 19.94
N ALA A 489 35.40 -10.73 20.86
CA ALA A 489 35.86 -11.17 22.17
C ALA A 489 34.74 -11.84 22.97
N LEU A 490 33.51 -11.30 22.90
CA LEU A 490 32.39 -11.75 23.71
C LEU A 490 32.16 -13.25 23.51
N THR A 491 31.75 -13.93 24.60
CA THR A 491 31.32 -15.31 24.56
C THR A 491 29.96 -15.42 25.22
N PRO A 492 29.21 -16.54 25.05
CA PRO A 492 27.87 -16.68 25.64
C PRO A 492 27.93 -16.57 27.17
N ASP A 493 26.79 -16.24 27.78
CA ASP A 493 26.75 -15.92 29.20
C ASP A 493 26.08 -17.05 29.99
N GLU A 494 26.81 -17.69 30.91
CA GLU A 494 26.22 -18.66 31.81
C GLU A 494 25.27 -17.95 32.76
N THR A 495 25.41 -16.62 32.82
CA THR A 495 24.52 -15.73 33.56
C THR A 495 23.13 -15.71 32.93
N TYR A 496 23.01 -16.08 31.64
CA TYR A 496 21.74 -15.98 30.95
C TYR A 496 20.82 -17.14 31.34
N VAL A 497 19.77 -16.77 32.07
CA VAL A 497 18.63 -17.62 32.35
C VAL A 497 17.83 -17.69 31.05
N PRO A 498 17.58 -18.90 30.53
CA PRO A 498 16.85 -19.08 29.27
C PRO A 498 15.44 -18.53 29.38
N LYS A 499 14.98 -17.89 28.31
CA LYS A 499 13.63 -17.37 28.22
C LYS A 499 12.65 -18.55 28.07
N ALA A 500 11.47 -18.39 28.66
CA ALA A 500 10.44 -19.42 28.70
C ALA A 500 9.87 -19.68 27.31
N PHE A 501 9.19 -20.82 27.17
CA PHE A 501 8.61 -21.18 25.89
C PHE A 501 7.37 -20.33 25.62
N ASP A 502 7.36 -19.61 24.50
CA ASP A 502 6.14 -18.92 24.11
C ASP A 502 5.69 -19.41 22.73
N GLU A 503 4.53 -20.09 22.71
CA GLU A 503 4.05 -20.81 21.53
C GLU A 503 3.77 -19.87 20.36
N LYS A 504 3.56 -18.58 20.62
CA LYS A 504 3.17 -17.68 19.53
C LYS A 504 4.41 -17.33 18.71
N LEU A 505 5.60 -17.54 19.31
CA LEU A 505 6.86 -17.24 18.64
C LEU A 505 7.13 -18.26 17.55
N PHE A 506 6.50 -19.44 17.66
CA PHE A 506 6.70 -20.57 16.75
C PHE A 506 5.36 -21.09 16.20
N THR A 507 4.41 -20.15 15.97
CA THR A 507 3.21 -20.46 15.20
C THR A 507 3.32 -19.87 13.80
N PHE A 508 3.05 -20.73 12.81
CA PHE A 508 3.15 -20.35 11.41
C PHE A 508 1.77 -20.45 10.79
N HIS A 509 1.25 -19.29 10.36
CA HIS A 509 -0.05 -19.19 9.75
C HIS A 509 0.13 -19.33 8.23
N ALA A 510 -0.96 -19.67 7.53
CA ALA A 510 -0.95 -19.82 6.08
C ALA A 510 -0.60 -18.50 5.39
N ASP A 511 -0.22 -17.50 6.17
CA ASP A 511 0.12 -16.22 5.57
C ASP A 511 1.63 -16.15 5.38
N ILE A 512 2.30 -17.31 5.46
CA ILE A 512 3.73 -17.33 5.25
C ILE A 512 4.06 -17.48 3.76
N CYS A 513 3.04 -17.72 2.93
CA CYS A 513 3.27 -17.91 1.50
C CYS A 513 2.94 -16.64 0.72
N THR A 514 2.05 -15.80 1.28
CA THR A 514 1.89 -14.42 0.83
C THR A 514 3.25 -13.70 0.84
N LEU A 515 4.07 -13.98 1.87
CA LEU A 515 5.23 -13.15 2.16
C LEU A 515 6.29 -13.24 1.03
N PRO A 516 6.80 -12.06 0.59
CA PRO A 516 7.99 -11.96 -0.29
C PRO A 516 9.23 -12.67 0.24
N ASP A 517 10.22 -12.89 -0.63
CA ASP A 517 11.37 -13.71 -0.26
C ASP A 517 12.10 -13.14 0.94
N THR A 518 12.24 -11.81 1.00
CA THR A 518 12.98 -11.16 2.07
C THR A 518 12.22 -11.31 3.39
N GLU A 519 10.94 -10.94 3.38
CA GLU A 519 10.13 -10.95 4.59
C GLU A 519 9.77 -12.38 5.01
N LYS A 520 10.10 -13.35 4.14
CA LYS A 520 9.88 -14.77 4.40
C LYS A 520 11.04 -15.33 5.21
N GLN A 521 12.26 -14.93 4.85
CA GLN A 521 13.43 -15.39 5.59
C GLN A 521 13.39 -14.75 6.97
N ILE A 522 12.95 -13.48 7.02
CA ILE A 522 12.93 -12.75 8.27
C ILE A 522 12.05 -13.49 9.29
N LYS A 523 10.85 -13.89 8.87
CA LYS A 523 9.97 -14.63 9.76
C LYS A 523 10.72 -15.87 10.26
N LYS A 524 11.42 -16.54 9.33
CA LYS A 524 12.20 -17.74 9.60
C LYS A 524 13.34 -17.39 10.57
N GLN A 525 14.06 -16.32 10.27
CA GLN A 525 15.24 -15.97 11.05
C GLN A 525 14.82 -15.54 12.46
N THR A 526 13.68 -14.85 12.57
CA THR A 526 13.13 -14.46 13.85
C THR A 526 12.95 -15.68 14.75
N ALA A 527 12.39 -16.75 14.16
CA ALA A 527 12.08 -18.00 14.87
C ALA A 527 13.37 -18.68 15.35
N LEU A 528 14.45 -18.53 14.58
CA LEU A 528 15.76 -19.01 14.97
C LEU A 528 16.21 -18.29 16.25
N VAL A 529 16.00 -16.98 16.31
CA VAL A 529 16.45 -16.20 17.45
C VAL A 529 15.68 -16.66 18.69
N GLU A 530 14.39 -16.88 18.51
CA GLU A 530 13.50 -17.11 19.63
C GLU A 530 13.70 -18.52 20.14
N LEU A 531 14.26 -19.36 19.27
CA LEU A 531 14.67 -20.70 19.63
C LEU A 531 15.93 -20.61 20.51
N LEU A 532 16.97 -19.94 19.98
CA LEU A 532 18.25 -19.80 20.67
C LEU A 532 18.07 -19.08 22.01
N LYS A 533 17.01 -18.27 22.10
CA LYS A 533 16.70 -17.52 23.31
C LYS A 533 16.11 -18.43 24.38
N HIS A 534 15.23 -19.36 23.96
CA HIS A 534 14.59 -20.34 24.83
C HIS A 534 15.56 -21.47 25.21
N LYS A 535 16.19 -22.10 24.20
CA LYS A 535 17.22 -23.09 24.50
C LYS A 535 18.56 -22.54 24.00
N PRO A 536 19.31 -21.80 24.86
CA PRO A 536 20.64 -21.31 24.51
C PRO A 536 21.77 -22.35 24.44
N LYS A 537 21.52 -23.56 24.97
CA LYS A 537 22.60 -24.53 25.08
C LYS A 537 22.67 -25.41 23.83
N ALA A 538 21.68 -25.29 22.93
CA ALA A 538 21.44 -26.27 21.89
C ALA A 538 22.52 -26.25 20.80
N THR A 539 23.18 -27.39 20.61
CA THR A 539 24.24 -27.57 19.61
C THR A 539 23.64 -27.60 18.21
N GLU A 540 24.39 -27.00 17.29
CA GLU A 540 24.02 -26.81 15.89
C GLU A 540 23.62 -28.15 15.28
N GLU A 541 24.13 -29.25 15.83
CA GLU A 541 23.68 -30.60 15.48
C GLU A 541 22.16 -30.58 15.32
N GLN A 542 21.47 -30.19 16.40
CA GLN A 542 20.01 -30.20 16.51
C GLN A 542 19.39 -29.11 15.63
N LEU A 543 19.80 -27.85 15.82
CA LEU A 543 19.28 -26.75 15.02
C LEU A 543 19.29 -27.12 13.53
N LYS A 544 20.23 -27.98 13.10
CA LYS A 544 20.33 -28.45 11.72
C LYS A 544 19.01 -29.08 11.27
N THR A 545 18.56 -30.14 11.97
CA THR A 545 17.31 -30.82 11.64
C THR A 545 16.09 -29.96 11.98
N VAL A 546 16.25 -28.95 12.84
CA VAL A 546 15.14 -28.07 13.18
C VAL A 546 14.84 -27.14 12.00
N MET A 547 15.89 -26.53 11.45
CA MET A 547 15.84 -25.74 10.23
C MET A 547 15.35 -26.60 9.04
N GLU A 548 15.89 -27.80 8.88
CA GLU A 548 15.36 -28.71 7.86
C GLU A 548 13.87 -28.96 8.09
N ASN A 549 13.41 -28.80 9.35
CA ASN A 549 12.06 -29.17 9.75
C ASN A 549 11.04 -28.08 9.42
N PHE A 550 11.36 -26.80 9.77
CA PHE A 550 10.53 -25.67 9.35
C PHE A 550 10.34 -25.81 7.83
N VAL A 551 11.44 -26.12 7.12
CA VAL A 551 11.41 -26.21 5.67
C VAL A 551 10.60 -27.43 5.21
N ALA A 552 10.65 -28.53 5.96
CA ALA A 552 9.81 -29.69 5.67
C ALA A 552 8.34 -29.30 5.72
N PHE A 553 8.04 -28.24 6.48
CA PHE A 553 6.69 -27.86 6.83
C PHE A 553 6.20 -26.65 6.03
N VAL A 554 6.94 -25.52 6.02
CA VAL A 554 6.56 -24.34 5.26
C VAL A 554 6.18 -24.76 3.83
N ASP A 555 6.94 -25.71 3.27
CA ASP A 555 6.86 -26.15 1.88
C ASP A 555 5.66 -27.07 1.68
N LYS A 556 5.40 -27.91 2.68
CA LYS A 556 4.39 -28.95 2.59
C LYS A 556 2.99 -28.35 2.64
N CYS A 557 2.86 -27.12 3.17
CA CYS A 557 1.57 -26.46 3.30
C CYS A 557 1.38 -25.36 2.26
N CYS A 558 2.41 -24.50 2.10
CA CYS A 558 2.40 -23.43 1.12
C CYS A 558 2.12 -23.98 -0.28
N ALA A 559 2.13 -25.31 -0.41
CA ALA A 559 1.91 -25.96 -1.68
C ALA A 559 0.89 -27.10 -1.52
N ALA A 560 0.16 -27.10 -0.40
CA ALA A 560 -0.81 -28.17 -0.09
C ALA A 560 -2.16 -27.89 -0.74
N ASP A 561 -3.02 -28.91 -0.69
CA ASP A 561 -4.35 -28.86 -1.30
C ASP A 561 -5.15 -27.70 -0.68
N ASP A 562 -5.06 -27.55 0.65
CA ASP A 562 -5.70 -26.47 1.38
C ASP A 562 -4.69 -25.82 2.33
N LYS A 563 -4.29 -24.59 2.02
CA LYS A 563 -3.21 -23.95 2.76
C LYS A 563 -3.34 -24.20 4.27
N GLU A 564 -4.57 -24.08 4.79
CA GLU A 564 -4.76 -23.82 6.21
C GLU A 564 -4.88 -25.10 7.00
N ALA A 565 -5.65 -26.08 6.48
CA ALA A 565 -5.87 -27.33 7.17
C ALA A 565 -4.53 -27.97 7.56
N CYS A 566 -3.47 -27.53 6.86
CA CYS A 566 -2.10 -28.01 7.05
C CYS A 566 -1.47 -27.27 8.22
N PHE A 567 -1.38 -25.94 8.09
CA PHE A 567 -0.82 -25.09 9.14
C PHE A 567 -1.59 -25.32 10.44
N ALA A 568 -2.89 -25.59 10.29
CA ALA A 568 -3.74 -26.04 11.38
C ALA A 568 -3.09 -27.21 12.11
N VAL A 569 -3.16 -28.42 11.52
CA VAL A 569 -2.83 -29.66 12.22
C VAL A 569 -1.32 -29.88 12.22
N GLU A 570 -0.64 -29.55 11.10
CA GLU A 570 0.74 -29.94 10.90
C GLU A 570 1.66 -29.01 11.69
N GLY A 571 1.16 -27.81 11.98
CA GLY A 571 1.88 -26.81 12.76
C GLY A 571 2.21 -27.30 14.17
N PRO A 572 1.18 -27.63 14.99
CA PRO A 572 1.40 -28.12 16.35
C PRO A 572 2.32 -29.34 16.40
N LYS A 573 2.19 -30.22 15.39
CA LYS A 573 3.11 -31.32 15.22
C LYS A 573 4.52 -30.77 15.40
N LEU A 574 4.91 -29.86 14.51
CA LEU A 574 6.26 -29.31 14.51
C LEU A 574 6.69 -28.87 15.91
N VAL A 575 5.73 -28.40 16.71
CA VAL A 575 6.06 -27.71 17.94
C VAL A 575 6.36 -28.71 19.06
N VAL A 576 5.50 -29.73 19.20
CA VAL A 576 5.74 -30.83 20.12
C VAL A 576 7.06 -31.52 19.73
N SER A 577 7.30 -31.61 18.41
CA SER A 577 8.48 -32.18 17.81
C SER A 577 9.74 -31.63 18.47
N THR A 578 9.81 -30.30 18.45
CA THR A 578 11.06 -29.59 18.64
C THR A 578 11.32 -29.42 20.14
N GLN A 579 10.29 -29.66 20.93
CA GLN A 579 10.54 -29.70 22.36
C GLN A 579 11.03 -31.10 22.73
N THR A 580 10.69 -32.11 21.92
CA THR A 580 11.26 -33.45 22.03
C THR A 580 12.66 -33.46 21.43
N ALA A 581 12.89 -32.51 20.51
CA ALA A 581 14.15 -32.41 19.82
C ALA A 581 15.20 -31.77 20.73
N LEU A 582 14.75 -30.88 21.60
CA LEU A 582 15.66 -30.04 22.38
C LEU A 582 15.46 -30.31 23.86
N ALA A 583 15.49 -31.60 24.22
CA ALA A 583 15.44 -32.09 25.59
C ALA A 583 14.38 -31.32 26.41
N HIS B 3 -40.20 26.97 1.10
CA HIS B 3 -38.74 26.90 0.77
C HIS B 3 -38.45 27.45 -0.63
N LYS B 4 -38.11 28.75 -0.71
CA LYS B 4 -37.69 29.35 -1.97
C LYS B 4 -36.28 28.86 -2.31
N SER B 5 -35.66 28.12 -1.36
CA SER B 5 -34.26 27.70 -1.41
C SER B 5 -34.11 26.20 -1.15
N GLU B 6 -33.75 25.42 -2.20
CA GLU B 6 -33.79 23.97 -2.12
C GLU B 6 -32.66 23.53 -1.19
N ILE B 7 -31.48 24.14 -1.33
CA ILE B 7 -30.33 23.71 -0.55
C ILE B 7 -30.56 23.97 0.93
N ALA B 8 -31.34 25.01 1.27
CA ALA B 8 -31.64 25.31 2.66
C ALA B 8 -32.59 24.24 3.21
N HIS B 9 -33.66 23.99 2.43
CA HIS B 9 -34.59 22.90 2.68
C HIS B 9 -33.83 21.65 3.10
N ARG B 10 -32.87 21.18 2.27
CA ARG B 10 -32.18 19.91 2.50
C ARG B 10 -31.42 19.93 3.84
N PHE B 11 -30.65 20.99 4.11
CA PHE B 11 -29.92 21.09 5.37
C PHE B 11 -30.88 20.99 6.55
N LYS B 12 -31.93 21.83 6.57
CA LYS B 12 -33.00 21.75 7.57
C LYS B 12 -33.42 20.29 7.74
N ASP B 13 -33.95 19.72 6.66
CA ASP B 13 -34.52 18.39 6.57
C ASP B 13 -33.51 17.29 6.90
N LEU B 14 -32.19 17.45 6.73
CA LEU B 14 -31.32 16.28 6.88
C LEU B 14 -30.40 16.32 8.08
N GLY B 15 -30.18 17.50 8.65
CA GLY B 15 -29.13 17.69 9.64
C GLY B 15 -27.76 17.82 9.00
N GLU B 16 -26.88 18.62 9.62
CA GLU B 16 -25.55 18.90 9.10
C GLU B 16 -24.81 17.59 8.82
N GLU B 17 -24.83 16.68 9.80
CA GLU B 17 -24.03 15.46 9.83
C GLU B 17 -24.19 14.67 8.54
N HIS B 18 -25.43 14.32 8.19
CA HIS B 18 -25.72 13.53 7.01
C HIS B 18 -25.58 14.40 5.77
N PHE B 19 -26.12 15.63 5.86
CA PHE B 19 -26.03 16.58 4.77
C PHE B 19 -24.59 16.56 4.27
N LYS B 20 -23.65 16.61 5.23
CA LYS B 20 -22.22 16.66 4.96
C LYS B 20 -21.72 15.33 4.39
N GLY B 21 -22.34 14.23 4.83
CA GLY B 21 -22.04 12.93 4.26
C GLY B 21 -22.38 12.89 2.77
N LEU B 22 -23.68 12.95 2.46
CA LEU B 22 -24.24 12.83 1.12
C LEU B 22 -23.52 13.73 0.12
N VAL B 23 -23.07 14.90 0.55
CA VAL B 23 -22.36 15.77 -0.37
C VAL B 23 -20.99 15.19 -0.66
N LEU B 24 -20.33 14.65 0.38
CA LEU B 24 -19.01 14.06 0.23
C LEU B 24 -19.11 12.82 -0.65
N ILE B 25 -20.21 12.09 -0.50
CA ILE B 25 -20.42 10.94 -1.35
C ILE B 25 -20.49 11.44 -2.80
N ALA B 26 -21.34 12.44 -3.04
CA ALA B 26 -21.57 12.95 -4.38
C ALA B 26 -20.27 13.41 -5.05
N PHE B 27 -19.50 14.28 -4.39
CA PHE B 27 -18.18 14.64 -4.87
C PHE B 27 -17.31 13.39 -5.13
N SER B 28 -17.40 12.42 -4.22
CA SER B 28 -16.58 11.23 -4.36
C SER B 28 -17.06 10.41 -5.56
N GLN B 29 -18.35 10.52 -5.91
CA GLN B 29 -18.88 9.70 -6.99
C GLN B 29 -18.66 10.35 -8.34
N TYR B 30 -18.51 11.67 -8.38
CA TYR B 30 -18.38 12.30 -9.68
C TYR B 30 -16.89 12.31 -9.99
N LEU B 31 -16.14 12.82 -9.02
CA LEU B 31 -14.71 12.99 -9.11
C LEU B 31 -14.06 11.87 -8.32
N GLN B 32 -13.71 10.77 -9.00
CA GLN B 32 -13.41 9.56 -8.27
C GLN B 32 -11.93 9.40 -7.95
N GLN B 33 -11.09 10.15 -8.64
CA GLN B 33 -9.66 10.18 -8.38
C GLN B 33 -9.20 11.49 -7.75
N CYS B 34 -10.02 12.10 -6.90
CA CYS B 34 -9.50 13.27 -6.19
C CYS B 34 -9.28 12.87 -4.73
N PRO B 35 -8.25 13.43 -4.04
CA PRO B 35 -7.93 13.04 -2.67
C PRO B 35 -9.09 13.33 -1.71
N PHE B 36 -9.07 12.62 -0.60
CA PHE B 36 -10.12 12.76 0.40
C PHE B 36 -10.17 14.21 0.88
N ASP B 37 -9.00 14.78 1.20
CA ASP B 37 -8.79 16.11 1.74
C ASP B 37 -9.44 17.17 0.85
N GLU B 38 -9.14 17.11 -0.45
CA GLU B 38 -9.59 18.08 -1.43
C GLU B 38 -11.11 18.05 -1.49
N HIS B 39 -11.66 16.86 -1.33
CA HIS B 39 -13.10 16.67 -1.27
C HIS B 39 -13.65 17.26 0.02
N VAL B 40 -13.01 16.97 1.15
CA VAL B 40 -13.54 17.41 2.43
C VAL B 40 -13.72 18.91 2.34
N LYS B 41 -12.77 19.55 1.65
CA LYS B 41 -12.70 21.01 1.57
C LYS B 41 -14.01 21.53 0.95
N LEU B 42 -14.31 21.10 -0.29
CA LEU B 42 -15.50 21.50 -1.04
C LEU B 42 -16.77 21.25 -0.24
N VAL B 43 -16.78 20.17 0.57
CA VAL B 43 -17.93 19.75 1.37
C VAL B 43 -18.20 20.82 2.41
N ASN B 44 -17.13 21.44 2.93
CA ASN B 44 -17.33 22.47 3.94
C ASN B 44 -17.73 23.80 3.31
N GLU B 45 -17.12 24.12 2.17
CA GLU B 45 -17.52 25.28 1.38
C GLU B 45 -19.02 25.18 1.14
N LEU B 46 -19.44 24.10 0.49
CA LEU B 46 -20.86 23.97 0.20
C LEU B 46 -21.67 23.94 1.49
N THR B 47 -21.06 23.58 2.62
CA THR B 47 -21.84 23.45 3.86
C THR B 47 -22.02 24.80 4.53
N GLU B 48 -20.93 25.56 4.65
CA GLU B 48 -20.99 26.93 5.11
C GLU B 48 -22.07 27.69 4.33
N PHE B 49 -22.00 27.65 2.99
CA PHE B 49 -22.99 28.33 2.17
C PHE B 49 -24.40 27.82 2.45
N ALA B 50 -24.53 26.51 2.65
CA ALA B 50 -25.85 25.96 2.93
C ALA B 50 -26.44 26.65 4.16
N LYS B 51 -25.59 27.06 5.09
CA LYS B 51 -26.02 27.67 6.36
C LYS B 51 -26.47 29.10 6.09
N THR B 52 -25.68 29.81 5.27
CA THR B 52 -25.97 31.17 4.83
C THR B 52 -27.41 31.23 4.38
N CYS B 53 -27.84 30.25 3.58
CA CYS B 53 -29.17 30.24 3.02
C CYS B 53 -30.21 29.87 4.07
N VAL B 54 -29.77 29.22 5.14
CA VAL B 54 -30.76 28.72 6.08
C VAL B 54 -31.18 29.87 6.99
N ALA B 55 -30.19 30.72 7.27
CA ALA B 55 -30.42 32.03 7.89
C ALA B 55 -31.23 32.92 6.95
N ASP B 56 -30.74 33.07 5.72
CA ASP B 56 -31.25 34.04 4.77
C ASP B 56 -31.67 33.31 3.50
N GLU B 57 -32.91 32.80 3.48
CA GLU B 57 -33.37 32.04 2.33
C GLU B 57 -33.29 32.89 1.06
N SER B 58 -32.98 34.18 1.20
CA SER B 58 -33.07 35.09 0.07
C SER B 58 -31.72 35.60 -0.37
N HIS B 59 -30.67 34.99 0.20
CA HIS B 59 -29.31 35.31 -0.17
C HIS B 59 -29.08 34.96 -1.64
N ALA B 60 -28.16 35.69 -2.26
CA ALA B 60 -27.91 35.49 -3.67
C ALA B 60 -27.38 34.07 -3.83
N GLY B 61 -28.06 33.29 -4.66
CA GLY B 61 -27.58 31.96 -4.95
C GLY B 61 -28.47 30.88 -4.37
N CYS B 62 -29.14 31.23 -3.28
CA CYS B 62 -29.92 30.24 -2.54
C CYS B 62 -31.09 29.70 -3.35
N GLU B 63 -31.57 30.48 -4.31
CA GLU B 63 -32.77 30.08 -5.03
C GLU B 63 -32.36 29.13 -6.12
N LYS B 64 -31.03 28.89 -6.24
CA LYS B 64 -30.39 28.07 -7.28
C LYS B 64 -30.57 26.60 -6.98
N SER B 65 -30.81 25.84 -8.05
CA SER B 65 -30.99 24.41 -7.90
C SER B 65 -29.73 23.78 -7.31
N LEU B 66 -29.91 22.61 -6.71
CA LEU B 66 -28.79 21.91 -6.13
C LEU B 66 -27.89 21.39 -7.23
N HIS B 67 -28.49 21.03 -8.37
CA HIS B 67 -27.64 20.73 -9.50
C HIS B 67 -26.76 21.94 -9.84
N THR B 68 -27.34 23.13 -10.06
CA THR B 68 -26.52 24.29 -10.41
C THR B 68 -25.44 24.49 -9.36
N LEU B 69 -25.82 24.31 -8.09
CA LEU B 69 -24.93 24.69 -7.01
C LEU B 69 -23.76 23.74 -6.98
N PHE B 70 -24.05 22.43 -6.96
CA PHE B 70 -23.03 21.39 -6.83
C PHE B 70 -22.14 21.36 -8.06
N GLY B 71 -22.78 21.34 -9.24
CA GLY B 71 -22.10 21.51 -10.50
C GLY B 71 -21.07 22.65 -10.49
N ASP B 72 -21.45 23.84 -10.03
CA ASP B 72 -20.59 25.00 -10.13
C ASP B 72 -19.34 24.79 -9.29
N GLU B 73 -19.46 23.95 -8.25
CA GLU B 73 -18.36 23.68 -7.34
C GLU B 73 -17.33 22.78 -8.02
N LEU B 74 -17.83 21.77 -8.76
CA LEU B 74 -17.02 20.84 -9.54
C LEU B 74 -16.14 21.63 -10.48
N CYS B 75 -16.75 22.63 -11.16
CA CYS B 75 -16.10 23.33 -12.25
C CYS B 75 -15.02 24.25 -11.75
N LYS B 76 -14.90 24.39 -10.43
CA LYS B 76 -13.85 25.25 -9.91
C LYS B 76 -12.59 24.42 -9.57
N VAL B 77 -12.72 23.10 -9.44
CA VAL B 77 -11.59 22.20 -9.24
C VAL B 77 -10.50 22.46 -10.29
N ALA B 78 -9.33 22.97 -9.86
CA ALA B 78 -8.33 23.51 -10.78
C ALA B 78 -7.67 22.42 -11.61
N SER B 79 -7.42 21.27 -10.99
CA SER B 79 -6.70 20.18 -11.64
C SER B 79 -7.62 19.37 -12.57
N LEU B 80 -8.85 19.85 -12.85
CA LEU B 80 -9.96 19.01 -13.29
C LEU B 80 -9.75 18.44 -14.70
N ARG B 81 -9.38 19.29 -15.67
CA ARG B 81 -9.12 18.78 -17.00
C ARG B 81 -7.93 17.82 -16.97
N GLU B 82 -6.84 18.22 -16.28
CA GLU B 82 -5.66 17.39 -16.18
C GLU B 82 -6.05 15.99 -15.74
N THR B 83 -6.75 15.92 -14.59
CA THR B 83 -7.09 14.68 -13.91
C THR B 83 -8.27 13.95 -14.58
N TYR B 84 -9.17 14.67 -15.28
CA TYR B 84 -10.40 14.01 -15.75
C TYR B 84 -10.72 14.21 -17.23
N GLY B 85 -10.00 15.08 -17.93
CA GLY B 85 -10.04 15.09 -19.39
C GLY B 85 -11.31 15.72 -19.96
N ASP B 86 -11.99 14.98 -20.84
CA ASP B 86 -13.14 15.45 -21.59
C ASP B 86 -14.26 15.84 -20.64
N MET B 87 -14.06 15.57 -19.34
CA MET B 87 -15.04 15.89 -18.31
C MET B 87 -15.08 17.40 -18.12
N ALA B 88 -13.91 18.03 -18.24
CA ALA B 88 -13.82 19.47 -18.08
C ALA B 88 -14.68 20.17 -19.13
N ASP B 89 -14.89 19.54 -20.29
CA ASP B 89 -15.76 20.09 -21.33
C ASP B 89 -17.22 20.16 -20.89
N CYS B 90 -17.59 19.46 -19.81
CA CYS B 90 -18.98 19.45 -19.40
C CYS B 90 -19.38 20.83 -18.92
N CYS B 91 -18.39 21.51 -18.32
CA CYS B 91 -18.49 22.83 -17.72
C CYS B 91 -18.98 23.87 -18.72
N GLU B 92 -18.70 23.67 -20.00
CA GLU B 92 -19.13 24.61 -21.02
C GLU B 92 -20.64 24.52 -21.23
N LYS B 93 -21.32 23.63 -20.53
CA LYS B 93 -22.72 23.40 -20.87
C LYS B 93 -23.63 23.95 -19.77
N GLN B 94 -24.87 24.24 -20.18
CA GLN B 94 -25.94 24.63 -19.28
C GLN B 94 -26.50 23.38 -18.62
N GLU B 95 -27.15 23.57 -17.46
CA GLU B 95 -27.92 22.50 -16.84
C GLU B 95 -29.23 22.39 -17.61
N PRO B 96 -29.86 21.20 -17.73
CA PRO B 96 -29.37 19.97 -17.10
C PRO B 96 -28.43 19.15 -17.97
N GLU B 97 -28.10 19.63 -19.18
CA GLU B 97 -27.14 18.92 -19.98
C GLU B 97 -25.81 18.80 -19.24
N ARG B 98 -25.45 19.83 -18.48
CA ARG B 98 -24.14 19.80 -17.84
C ARG B 98 -24.08 18.58 -16.93
N ASN B 99 -25.10 18.39 -16.10
CA ASN B 99 -25.07 17.33 -15.10
C ASN B 99 -25.07 15.96 -15.78
N GLU B 100 -25.89 15.80 -16.83
CA GLU B 100 -25.96 14.56 -17.57
C GLU B 100 -24.60 14.17 -18.13
N CYS B 101 -23.86 15.19 -18.60
CA CYS B 101 -22.49 15.08 -19.06
C CYS B 101 -21.57 14.60 -17.92
N PHE B 102 -21.75 15.16 -16.74
CA PHE B 102 -20.93 14.79 -15.60
C PHE B 102 -21.18 13.32 -15.27
N LEU B 103 -22.46 12.95 -15.26
CA LEU B 103 -22.85 11.60 -14.91
C LEU B 103 -22.24 10.59 -15.89
N SER B 104 -22.27 10.92 -17.17
CA SER B 104 -21.81 9.97 -18.17
C SER B 104 -20.31 9.74 -18.01
N HIS B 105 -19.60 10.60 -17.29
CA HIS B 105 -18.17 10.42 -17.17
C HIS B 105 -17.85 9.71 -15.86
N LYS B 106 -18.86 9.16 -15.18
CA LYS B 106 -18.68 8.38 -13.96
C LYS B 106 -18.10 7.03 -14.34
N ASP B 107 -16.96 6.62 -13.75
CA ASP B 107 -16.21 5.40 -14.11
C ASP B 107 -16.68 4.18 -13.30
N ASP B 108 -17.30 3.23 -14.00
CA ASP B 108 -17.88 2.03 -13.41
C ASP B 108 -16.82 0.96 -13.05
N SER B 109 -15.59 1.12 -13.56
CA SER B 109 -14.48 0.26 -13.26
C SER B 109 -13.26 1.15 -13.00
N PRO B 110 -13.11 1.74 -11.79
CA PRO B 110 -12.17 2.84 -11.61
C PRO B 110 -10.69 2.51 -11.49
N ASP B 111 -10.36 1.22 -11.24
CA ASP B 111 -8.99 0.71 -11.22
C ASP B 111 -8.17 1.38 -10.10
N LEU B 112 -8.79 1.46 -8.92
CA LEU B 112 -8.14 2.00 -7.73
C LEU B 112 -7.73 0.86 -6.81
N PRO B 113 -6.58 0.98 -6.12
CA PRO B 113 -6.15 0.05 -5.08
C PRO B 113 -7.25 -0.71 -4.36
N LYS B 114 -7.13 -2.05 -4.34
CA LYS B 114 -8.02 -2.91 -3.59
C LYS B 114 -7.61 -2.75 -2.13
N LEU B 115 -8.54 -2.22 -1.32
CA LEU B 115 -8.22 -1.80 0.04
C LEU B 115 -8.01 -3.04 0.91
N LYS B 116 -6.74 -3.38 1.19
CA LYS B 116 -6.46 -4.59 1.96
C LYS B 116 -6.28 -4.22 3.43
N PRO B 117 -7.33 -4.35 4.28
CA PRO B 117 -7.38 -3.64 5.56
C PRO B 117 -6.50 -4.23 6.67
N ASP B 118 -5.71 -3.36 7.34
CA ASP B 118 -4.81 -3.71 8.44
C ASP B 118 -5.42 -3.37 9.81
N PRO B 119 -5.85 -4.41 10.58
CA PRO B 119 -6.44 -4.22 11.90
C PRO B 119 -5.87 -3.08 12.73
N ASN B 120 -4.55 -3.15 12.97
CA ASN B 120 -3.83 -2.26 13.89
C ASN B 120 -3.92 -0.80 13.44
N THR B 121 -3.68 -0.55 12.15
CA THR B 121 -3.54 0.81 11.65
C THR B 121 -4.92 1.47 11.52
N LEU B 122 -5.93 0.70 11.10
CA LEU B 122 -7.30 1.19 10.96
C LEU B 122 -7.87 1.50 12.35
N CYS B 123 -7.43 0.76 13.35
CA CYS B 123 -7.94 0.98 14.70
C CYS B 123 -7.40 2.29 15.26
N ASP B 124 -6.18 2.67 14.86
CA ASP B 124 -5.55 3.92 15.31
C ASP B 124 -6.39 5.11 14.83
N GLU B 125 -6.65 5.13 13.52
CA GLU B 125 -7.36 6.22 12.85
C GLU B 125 -8.71 6.45 13.51
N PHE B 126 -9.33 5.36 13.99
CA PHE B 126 -10.65 5.40 14.57
C PHE B 126 -10.61 6.05 15.96
N LYS B 127 -9.62 5.65 16.77
CA LYS B 127 -9.51 6.16 18.13
C LYS B 127 -9.17 7.64 18.06
N ALA B 128 -8.38 7.96 17.03
CA ALA B 128 -7.97 9.32 16.69
C ALA B 128 -9.19 10.13 16.31
N ASP B 129 -9.62 10.00 15.04
CA ASP B 129 -10.71 10.80 14.52
C ASP B 129 -11.85 9.90 14.04
N GLU B 130 -12.88 9.79 14.88
CA GLU B 130 -14.03 8.93 14.62
C GLU B 130 -14.84 9.42 13.42
N LYS B 131 -15.05 10.74 13.31
CA LYS B 131 -15.90 11.27 12.25
C LYS B 131 -15.15 11.36 10.91
N LYS B 132 -13.84 11.58 10.94
CA LYS B 132 -13.03 11.51 9.73
C LYS B 132 -12.92 10.06 9.23
N PHE B 133 -12.68 9.12 10.15
CA PHE B 133 -12.62 7.70 9.81
C PHE B 133 -13.91 7.25 9.13
N TRP B 134 -15.05 7.64 9.71
CA TRP B 134 -16.35 7.34 9.16
C TRP B 134 -16.45 7.90 7.75
N GLY B 135 -15.95 9.12 7.60
CA GLY B 135 -16.08 9.83 6.33
C GLY B 135 -15.18 9.25 5.25
N LYS B 136 -13.97 8.85 5.67
CA LYS B 136 -13.06 8.30 4.69
C LYS B 136 -13.60 6.95 4.22
N TYR B 137 -14.45 6.32 5.03
CA TYR B 137 -15.10 5.09 4.57
C TYR B 137 -16.07 5.46 3.46
N LEU B 138 -17.00 6.37 3.78
CA LEU B 138 -17.89 6.98 2.80
C LEU B 138 -17.16 7.30 1.50
N TYR B 139 -15.94 7.83 1.60
CA TYR B 139 -15.09 8.22 0.48
C TYR B 139 -14.72 7.01 -0.37
N GLU B 140 -14.13 6.01 0.29
CA GLU B 140 -13.46 4.95 -0.44
C GLU B 140 -14.52 4.09 -1.11
N ILE B 141 -15.65 3.88 -0.45
CA ILE B 141 -16.61 2.97 -1.06
C ILE B 141 -17.21 3.68 -2.25
N ALA B 142 -17.53 4.96 -2.04
CA ALA B 142 -18.40 5.65 -2.96
C ALA B 142 -17.64 5.96 -4.24
N ARG B 143 -16.31 6.15 -4.12
CA ARG B 143 -15.50 6.50 -5.28
C ARG B 143 -15.24 5.26 -6.11
N ARG B 144 -15.58 4.10 -5.53
CA ARG B 144 -15.43 2.85 -6.22
C ARG B 144 -16.78 2.39 -6.77
N HIS B 145 -17.87 3.00 -6.28
CA HIS B 145 -19.18 2.51 -6.67
C HIS B 145 -20.06 3.69 -7.08
N PRO B 146 -19.65 4.47 -8.10
CA PRO B 146 -20.18 5.80 -8.31
C PRO B 146 -21.69 5.92 -8.37
N TYR B 147 -22.41 4.77 -8.43
CA TYR B 147 -23.86 4.80 -8.38
C TYR B 147 -24.43 4.15 -7.11
N PHE B 148 -23.63 4.02 -6.05
CA PHE B 148 -24.11 3.38 -4.83
C PHE B 148 -25.24 4.21 -4.23
N TYR B 149 -26.34 3.53 -3.83
CA TYR B 149 -27.49 4.13 -3.17
C TYR B 149 -27.01 4.93 -1.95
N ALA B 150 -26.97 6.27 -2.11
CA ALA B 150 -26.39 7.18 -1.13
C ALA B 150 -26.88 6.98 0.32
N PRO B 151 -28.19 7.06 0.65
CA PRO B 151 -28.61 6.86 2.03
C PRO B 151 -28.07 5.53 2.57
N GLU B 152 -28.07 4.47 1.73
CA GLU B 152 -27.73 3.17 2.25
C GLU B 152 -26.27 3.17 2.66
N LEU B 153 -25.42 3.88 1.90
CA LEU B 153 -23.98 3.89 2.17
C LEU B 153 -23.71 4.71 3.44
N LEU B 154 -24.63 5.62 3.76
CA LEU B 154 -24.60 6.28 5.05
C LEU B 154 -24.76 5.20 6.12
N TYR B 155 -25.77 4.35 5.93
CA TYR B 155 -26.14 3.33 6.90
C TYR B 155 -24.96 2.40 7.12
N TYR B 156 -24.23 2.14 6.02
CA TYR B 156 -23.09 1.22 6.01
C TYR B 156 -21.92 1.79 6.81
N ALA B 157 -21.63 3.08 6.60
CA ALA B 157 -20.57 3.75 7.33
C ALA B 157 -20.89 3.70 8.84
N ASN B 158 -22.19 3.76 9.17
CA ASN B 158 -22.61 3.63 10.55
C ASN B 158 -22.22 2.26 11.06
N LYS B 159 -22.64 1.21 10.33
CA LYS B 159 -22.35 -0.16 10.73
C LYS B 159 -20.85 -0.37 10.84
N TYR B 160 -20.10 0.14 9.85
CA TYR B 160 -18.64 0.07 9.82
C TYR B 160 -18.07 0.65 11.10
N ASN B 161 -18.64 1.76 11.55
CA ASN B 161 -18.21 2.33 12.82
C ASN B 161 -18.55 1.41 13.98
N GLY B 162 -19.72 0.75 13.92
CA GLY B 162 -20.17 -0.13 14.97
C GLY B 162 -19.23 -1.31 15.20
N VAL B 163 -18.59 -1.72 14.11
CA VAL B 163 -17.60 -2.80 14.11
C VAL B 163 -16.35 -2.31 14.82
N PHE B 164 -15.80 -1.16 14.39
CA PHE B 164 -14.52 -0.68 14.89
C PHE B 164 -14.65 -0.19 16.32
N GLN B 165 -15.85 0.28 16.65
CA GLN B 165 -16.05 0.82 17.97
C GLN B 165 -16.02 -0.33 18.96
N GLU B 166 -16.39 -1.50 18.47
CA GLU B 166 -16.45 -2.63 19.37
C GLU B 166 -15.12 -3.36 19.39
N CYS B 167 -14.59 -3.64 18.19
CA CYS B 167 -13.49 -4.58 18.09
C CYS B 167 -12.13 -4.02 18.54
N CYS B 168 -11.90 -2.70 18.43
CA CYS B 168 -10.60 -2.13 18.77
C CYS B 168 -10.35 -2.20 20.28
N GLN B 169 -11.36 -2.65 21.03
CA GLN B 169 -11.22 -2.83 22.47
C GLN B 169 -11.10 -4.31 22.89
N ALA B 170 -11.35 -5.25 21.97
CA ALA B 170 -11.02 -6.66 22.19
C ALA B 170 -9.51 -6.81 22.12
N GLU B 171 -8.93 -7.90 22.67
CA GLU B 171 -7.48 -7.96 22.64
C GLU B 171 -6.94 -8.32 21.26
N ASP B 172 -7.33 -9.49 20.74
CA ASP B 172 -6.95 -9.89 19.39
C ASP B 172 -7.86 -9.14 18.42
N LYS B 173 -7.68 -7.81 18.35
CA LYS B 173 -8.48 -6.91 17.54
C LYS B 173 -8.76 -7.55 16.18
N GLY B 174 -7.68 -7.94 15.52
CA GLY B 174 -7.74 -8.46 14.16
C GLY B 174 -8.78 -9.57 14.02
N ALA B 175 -8.66 -10.59 14.87
CA ALA B 175 -9.47 -11.79 14.69
C ALA B 175 -10.92 -11.49 15.02
N CYS B 176 -11.15 -10.36 15.71
CA CYS B 176 -12.50 -9.89 15.98
C CYS B 176 -13.09 -9.27 14.73
N LEU B 177 -12.38 -8.29 14.15
CA LEU B 177 -13.02 -7.39 13.22
C LEU B 177 -12.99 -7.92 11.78
N LEU B 178 -12.02 -8.80 11.49
CA LEU B 178 -11.71 -9.15 10.11
C LEU B 178 -12.74 -10.08 9.48
N PRO B 179 -13.37 -11.02 10.22
CA PRO B 179 -14.61 -11.66 9.78
C PRO B 179 -15.78 -10.68 9.61
N LYS B 180 -15.84 -9.64 10.44
CA LYS B 180 -16.93 -8.70 10.41
C LYS B 180 -16.78 -7.76 9.22
N ILE B 181 -15.56 -7.26 8.99
CA ILE B 181 -15.39 -6.40 7.82
C ILE B 181 -15.69 -7.22 6.58
N GLU B 182 -15.29 -8.51 6.62
CA GLU B 182 -15.43 -9.37 5.46
C GLU B 182 -16.89 -9.70 5.17
N THR B 183 -17.72 -9.97 6.20
CA THR B 183 -19.15 -10.19 5.95
C THR B 183 -19.72 -8.96 5.26
N MET B 184 -19.54 -7.81 5.91
CA MET B 184 -20.20 -6.60 5.47
C MET B 184 -19.83 -6.35 4.01
N ARG B 185 -18.55 -6.57 3.66
CA ARG B 185 -18.01 -6.36 2.33
C ARG B 185 -18.91 -6.99 1.27
N GLU B 186 -19.41 -8.21 1.55
CA GLU B 186 -20.25 -8.93 0.60
C GLU B 186 -21.58 -8.20 0.42
N LYS B 187 -22.15 -7.76 1.56
CA LYS B 187 -23.42 -7.07 1.65
C LYS B 187 -23.34 -5.77 0.86
N VAL B 188 -22.20 -5.06 1.01
CA VAL B 188 -21.93 -3.78 0.35
C VAL B 188 -21.77 -3.94 -1.16
N LEU B 189 -21.07 -5.00 -1.61
CA LEU B 189 -20.97 -5.27 -3.03
C LEU B 189 -22.33 -5.72 -3.59
N THR B 190 -23.12 -6.42 -2.78
CA THR B 190 -24.47 -6.78 -3.18
C THR B 190 -25.31 -5.50 -3.28
N SER B 191 -25.29 -4.67 -2.23
CA SER B 191 -26.06 -3.44 -2.18
C SER B 191 -25.68 -2.53 -3.35
N SER B 192 -24.43 -2.61 -3.77
CA SER B 192 -23.96 -1.83 -4.90
C SER B 192 -24.57 -2.37 -6.18
N ALA B 193 -24.45 -3.68 -6.35
CA ALA B 193 -24.84 -4.32 -7.59
C ALA B 193 -26.30 -4.02 -7.85
N ARG B 194 -27.07 -4.11 -6.75
CA ARG B 194 -28.52 -4.05 -6.80
C ARG B 194 -28.89 -2.65 -7.26
N GLN B 195 -28.17 -1.67 -6.71
CA GLN B 195 -28.46 -0.28 -7.01
C GLN B 195 -28.13 0.01 -8.47
N ARG B 196 -26.98 -0.46 -8.95
CA ARG B 196 -26.55 -0.13 -10.29
C ARG B 196 -27.50 -0.74 -11.32
N LEU B 197 -28.24 -1.78 -10.92
CA LEU B 197 -29.25 -2.34 -11.81
C LEU B 197 -30.47 -1.42 -11.83
N ARG B 198 -30.86 -0.84 -10.68
CA ARG B 198 -31.94 0.14 -10.70
C ARG B 198 -31.58 1.28 -11.65
N CYS B 199 -30.38 1.87 -11.54
CA CYS B 199 -30.00 3.04 -12.30
C CYS B 199 -29.91 2.76 -13.81
N ALA B 200 -29.61 1.51 -14.15
CA ALA B 200 -29.50 1.11 -15.54
C ALA B 200 -30.89 0.78 -16.09
N SER B 201 -31.82 0.37 -15.22
CA SER B 201 -33.19 0.15 -15.64
C SER B 201 -33.67 1.46 -16.23
N ILE B 202 -33.62 2.53 -15.43
CA ILE B 202 -34.22 3.81 -15.78
C ILE B 202 -33.45 4.41 -16.96
N GLN B 203 -32.11 4.40 -16.86
CA GLN B 203 -31.26 5.09 -17.80
C GLN B 203 -31.30 4.40 -19.17
N LYS B 204 -31.77 3.15 -19.24
CA LYS B 204 -31.70 2.39 -20.49
C LYS B 204 -33.06 1.80 -20.85
N PHE B 205 -34.04 1.86 -19.96
CA PHE B 205 -35.33 1.30 -20.37
C PHE B 205 -36.51 2.15 -19.90
N GLY B 206 -36.21 3.30 -19.28
CA GLY B 206 -37.22 4.23 -18.81
C GLY B 206 -37.64 3.91 -17.38
N GLU B 207 -38.34 4.86 -16.73
CA GLU B 207 -38.87 4.67 -15.40
C GLU B 207 -39.87 3.52 -15.42
N ARG B 208 -40.57 3.40 -16.55
CA ARG B 208 -41.57 2.38 -16.78
C ARG B 208 -41.05 1.08 -16.15
N ALA B 209 -39.85 0.71 -16.65
CA ALA B 209 -39.11 -0.50 -16.30
C ALA B 209 -38.92 -0.57 -14.79
N LEU B 210 -38.34 0.49 -14.22
CA LEU B 210 -37.99 0.45 -12.80
C LEU B 210 -39.25 0.41 -11.92
N LYS B 211 -40.34 1.06 -12.42
CA LYS B 211 -41.63 1.08 -11.74
C LYS B 211 -42.14 -0.34 -11.57
N ALA B 212 -42.03 -1.12 -12.65
CA ALA B 212 -42.47 -2.51 -12.62
C ALA B 212 -41.57 -3.39 -11.75
N TRP B 213 -40.24 -3.21 -11.83
CA TRP B 213 -39.27 -3.86 -10.94
C TRP B 213 -39.86 -3.71 -9.53
N SER B 214 -40.42 -2.52 -9.26
CA SER B 214 -40.93 -2.14 -7.96
C SER B 214 -42.22 -2.88 -7.60
N VAL B 215 -43.29 -2.62 -8.38
CA VAL B 215 -44.62 -3.22 -8.23
C VAL B 215 -44.47 -4.66 -7.74
N ALA B 216 -43.77 -5.45 -8.57
CA ALA B 216 -43.37 -6.82 -8.33
C ALA B 216 -42.90 -6.97 -6.91
N ARG B 217 -41.78 -6.30 -6.58
CA ARG B 217 -41.12 -6.54 -5.31
C ARG B 217 -41.99 -6.15 -4.13
N LEU B 218 -42.76 -5.06 -4.28
CA LEU B 218 -43.56 -4.53 -3.17
C LEU B 218 -44.83 -5.35 -2.92
N SER B 219 -45.47 -5.84 -3.99
CA SER B 219 -46.65 -6.68 -3.87
C SER B 219 -46.28 -8.00 -3.19
N GLN B 220 -45.01 -8.42 -3.31
CA GLN B 220 -44.51 -9.58 -2.57
C GLN B 220 -44.36 -9.24 -1.08
N LYS B 221 -43.72 -8.11 -0.76
CA LYS B 221 -43.47 -7.72 0.62
C LYS B 221 -44.80 -7.49 1.35
N PHE B 222 -45.77 -6.91 0.64
CA PHE B 222 -46.98 -6.38 1.25
C PHE B 222 -48.24 -6.84 0.52
N PRO B 223 -48.47 -8.16 0.40
CA PRO B 223 -49.59 -8.66 -0.40
C PRO B 223 -50.92 -8.24 0.20
N LYS B 224 -50.86 -7.75 1.46
CA LYS B 224 -52.04 -7.40 2.24
C LYS B 224 -52.46 -5.98 1.85
N ALA B 225 -51.65 -5.35 0.99
CA ALA B 225 -51.86 -3.97 0.57
C ALA B 225 -52.74 -3.93 -0.68
N GLU B 226 -53.62 -2.91 -0.73
CA GLU B 226 -54.52 -2.63 -1.85
C GLU B 226 -53.71 -2.27 -3.08
N PHE B 227 -54.31 -2.38 -4.28
CA PHE B 227 -53.53 -1.97 -5.44
C PHE B 227 -53.23 -0.47 -5.38
N VAL B 228 -54.16 0.29 -4.76
CA VAL B 228 -54.01 1.73 -4.56
C VAL B 228 -52.68 1.97 -3.85
N GLU B 229 -52.59 1.47 -2.61
CA GLU B 229 -51.43 1.63 -1.73
C GLU B 229 -50.12 1.37 -2.48
N VAL B 230 -50.09 0.28 -3.24
CA VAL B 230 -48.84 -0.16 -3.84
C VAL B 230 -48.44 0.84 -4.91
N THR B 231 -49.43 1.46 -5.57
CA THR B 231 -49.09 2.43 -6.59
C THR B 231 -48.46 3.67 -5.95
N LYS B 232 -49.07 4.16 -4.85
CA LYS B 232 -48.51 5.27 -4.10
C LYS B 232 -47.08 4.91 -3.73
N LEU B 233 -46.91 3.80 -3.00
CA LEU B 233 -45.62 3.39 -2.50
C LEU B 233 -44.61 3.27 -3.63
N VAL B 234 -45.06 2.79 -4.80
CA VAL B 234 -44.16 2.59 -5.91
C VAL B 234 -43.70 3.95 -6.44
N THR B 235 -44.68 4.77 -6.81
CA THR B 235 -44.46 6.12 -7.27
C THR B 235 -43.35 6.77 -6.45
N ASP B 236 -43.49 6.72 -5.12
CA ASP B 236 -42.60 7.35 -4.16
C ASP B 236 -41.21 6.77 -4.29
N LEU B 237 -41.13 5.43 -4.24
CA LEU B 237 -39.85 4.74 -4.24
C LEU B 237 -39.12 4.95 -5.56
N THR B 238 -39.87 5.03 -6.66
CA THR B 238 -39.24 5.28 -7.96
C THR B 238 -38.53 6.63 -7.99
N LYS B 239 -39.20 7.66 -7.45
CA LYS B 239 -38.67 9.01 -7.45
C LYS B 239 -37.35 9.00 -6.68
N VAL B 240 -37.31 8.33 -5.51
CA VAL B 240 -36.10 8.16 -4.71
C VAL B 240 -34.99 7.65 -5.63
N HIS B 241 -35.32 6.61 -6.38
CA HIS B 241 -34.34 5.91 -7.19
C HIS B 241 -33.91 6.80 -8.35
N LYS B 242 -34.89 7.37 -9.05
CA LYS B 242 -34.54 8.28 -10.12
C LYS B 242 -33.61 9.33 -9.52
N GLU B 243 -33.92 9.82 -8.32
CA GLU B 243 -33.13 10.84 -7.65
C GLU B 243 -31.69 10.33 -7.43
N CYS B 244 -31.53 9.23 -6.70
CA CYS B 244 -30.18 8.79 -6.39
C CYS B 244 -29.38 8.43 -7.65
N CYS B 245 -30.05 8.35 -8.79
CA CYS B 245 -29.37 7.81 -9.94
C CYS B 245 -28.81 8.98 -10.73
N HIS B 246 -29.65 10.02 -10.87
CA HIS B 246 -29.26 11.26 -11.50
C HIS B 246 -28.35 12.11 -10.59
N GLY B 247 -28.16 11.67 -9.34
CA GLY B 247 -27.12 12.25 -8.51
C GLY B 247 -27.57 13.29 -7.49
N ASP B 248 -28.83 13.75 -7.55
CA ASP B 248 -29.32 14.67 -6.52
C ASP B 248 -29.51 13.85 -5.24
N LEU B 249 -28.41 13.73 -4.48
CA LEU B 249 -28.35 12.74 -3.42
C LEU B 249 -29.13 13.21 -2.20
N LEU B 250 -29.15 14.53 -1.99
CA LEU B 250 -29.80 15.10 -0.82
C LEU B 250 -31.30 14.97 -1.02
N GLU B 251 -31.76 15.21 -2.26
CA GLU B 251 -33.18 15.05 -2.52
C GLU B 251 -33.57 13.60 -2.32
N CYS B 252 -32.65 12.68 -2.64
CA CYS B 252 -32.81 11.23 -2.54
C CYS B 252 -32.99 10.78 -1.10
N ALA B 253 -31.95 11.04 -0.31
CA ALA B 253 -31.96 10.72 1.10
C ALA B 253 -33.23 11.25 1.75
N ASP B 254 -33.64 12.47 1.37
CA ASP B 254 -34.85 13.07 1.91
C ASP B 254 -36.04 12.18 1.59
N ASP B 255 -36.51 12.19 0.34
CA ASP B 255 -37.69 11.43 -0.07
C ASP B 255 -37.71 10.03 0.58
N ARG B 256 -36.55 9.32 0.59
CA ARG B 256 -36.44 7.98 1.14
C ARG B 256 -36.79 7.99 2.62
N ALA B 257 -36.20 8.92 3.38
CA ALA B 257 -36.60 9.02 4.76
C ALA B 257 -38.08 9.42 4.86
N ASP B 258 -38.59 10.26 3.95
CA ASP B 258 -40.00 10.65 4.01
C ASP B 258 -40.87 9.43 3.78
N LEU B 259 -40.41 8.53 2.90
CA LEU B 259 -41.15 7.30 2.61
C LEU B 259 -41.19 6.38 3.82
N ALA B 260 -40.06 6.26 4.53
CA ALA B 260 -39.99 5.44 5.72
C ALA B 260 -41.00 5.94 6.75
N LYS B 261 -40.98 7.27 7.00
CA LYS B 261 -41.93 7.93 7.89
C LYS B 261 -43.35 7.59 7.45
N TYR B 262 -43.61 7.69 6.15
CA TYR B 262 -44.95 7.44 5.61
C TYR B 262 -45.41 6.01 5.91
N ILE B 263 -44.49 5.07 5.66
CA ILE B 263 -44.78 3.64 5.63
C ILE B 263 -45.13 3.17 7.04
N CYS B 264 -44.43 3.71 8.03
CA CYS B 264 -44.69 3.40 9.42
C CYS B 264 -45.94 4.14 9.90
N ASP B 265 -46.18 5.29 9.27
CA ASP B 265 -47.38 6.06 9.59
C ASP B 265 -48.61 5.41 8.97
N ASN B 266 -48.44 4.22 8.39
CA ASN B 266 -49.54 3.63 7.67
C ASN B 266 -49.53 2.11 7.69
N GLN B 267 -48.68 1.52 8.54
CA GLN B 267 -48.40 0.08 8.41
C GLN B 267 -49.71 -0.72 8.50
N ASP B 268 -50.71 -0.13 9.17
CA ASP B 268 -52.06 -0.66 9.28
C ASP B 268 -52.68 -1.01 7.93
N THR B 269 -52.20 -0.40 6.83
CA THR B 269 -52.78 -0.67 5.52
C THR B 269 -51.70 -1.09 4.54
N ILE B 270 -50.66 -1.77 5.07
CA ILE B 270 -49.50 -2.22 4.31
C ILE B 270 -48.98 -3.58 4.77
N SER B 271 -48.50 -3.69 6.02
CA SER B 271 -47.98 -4.97 6.49
C SER B 271 -47.90 -5.03 8.02
N SER B 272 -48.16 -6.23 8.54
CA SER B 272 -48.06 -6.56 9.96
C SER B 272 -46.61 -6.84 10.38
N LYS B 273 -45.69 -6.91 9.42
CA LYS B 273 -44.30 -7.26 9.69
C LYS B 273 -43.45 -6.04 10.04
N LEU B 274 -44.09 -4.88 10.28
CA LEU B 274 -43.38 -3.63 10.18
C LEU B 274 -43.06 -3.02 11.55
N LYS B 275 -43.62 -3.58 12.63
CA LYS B 275 -43.46 -3.03 13.97
C LYS B 275 -41.98 -2.95 14.33
N GLU B 276 -41.25 -4.02 14.03
CA GLU B 276 -39.85 -4.18 14.39
C GLU B 276 -39.03 -3.03 13.79
N CYS B 277 -39.20 -2.79 12.47
CA CYS B 277 -38.50 -1.77 11.71
C CYS B 277 -38.86 -0.39 12.22
N CYS B 278 -40.17 -0.15 12.36
CA CYS B 278 -40.70 1.18 12.67
C CYS B 278 -40.40 1.55 14.11
N ASP B 279 -39.28 1.05 14.62
CA ASP B 279 -38.78 1.39 15.94
C ASP B 279 -37.36 1.94 15.82
N LYS B 280 -36.72 1.75 14.67
CA LYS B 280 -35.30 1.99 14.68
C LYS B 280 -34.99 3.45 14.38
N PRO B 281 -33.78 3.91 14.71
CA PRO B 281 -33.20 5.12 14.13
C PRO B 281 -33.39 5.32 12.63
N LEU B 282 -33.16 6.55 12.12
CA LEU B 282 -33.66 7.01 10.84
C LEU B 282 -33.22 6.10 9.70
N LEU B 283 -31.93 5.71 9.70
CA LEU B 283 -31.28 5.02 8.59
C LEU B 283 -31.48 3.51 8.70
N GLU B 284 -31.40 3.06 9.96
CA GLU B 284 -31.60 1.68 10.35
C GLU B 284 -33.02 1.27 9.99
N LYS B 285 -33.96 2.20 10.17
CA LYS B 285 -35.37 1.96 9.91
C LYS B 285 -35.57 1.63 8.44
N SER B 286 -34.95 2.43 7.55
CA SER B 286 -35.19 2.29 6.12
C SER B 286 -34.58 0.99 5.62
N HIS B 287 -33.36 0.69 6.11
CA HIS B 287 -32.67 -0.56 5.79
C HIS B 287 -33.47 -1.78 6.21
N CYS B 288 -34.03 -1.73 7.43
CA CYS B 288 -34.90 -2.78 7.91
C CYS B 288 -36.21 -2.88 7.11
N ILE B 289 -36.76 -1.77 6.59
CA ILE B 289 -37.99 -1.87 5.81
C ILE B 289 -37.68 -2.60 4.51
N ALA B 290 -36.53 -2.25 3.91
CA ALA B 290 -36.04 -2.84 2.67
C ALA B 290 -36.11 -4.35 2.76
N GLU B 291 -35.46 -4.89 3.81
CA GLU B 291 -35.28 -6.31 3.99
C GLU B 291 -36.25 -6.82 5.04
N VAL B 292 -37.54 -6.48 4.90
CA VAL B 292 -38.56 -6.93 5.83
C VAL B 292 -38.96 -8.35 5.45
N GLU B 293 -39.36 -9.14 6.46
CA GLU B 293 -40.10 -10.38 6.25
C GLU B 293 -41.35 -10.09 5.42
N LYS B 294 -41.66 -10.97 4.46
CA LYS B 294 -42.87 -10.78 3.66
C LYS B 294 -44.07 -11.05 4.55
N ASP B 295 -45.24 -10.62 4.07
CA ASP B 295 -46.49 -10.66 4.81
C ASP B 295 -47.29 -11.86 4.33
N ALA B 296 -48.10 -12.44 5.22
CA ALA B 296 -48.97 -13.54 4.83
C ALA B 296 -49.90 -13.06 3.72
N ILE B 297 -49.96 -13.86 2.66
CA ILE B 297 -50.81 -13.61 1.50
C ILE B 297 -52.27 -13.64 1.95
N PRO B 298 -53.15 -12.72 1.50
CA PRO B 298 -54.56 -12.76 1.90
C PRO B 298 -55.19 -14.08 1.47
N GLU B 299 -56.12 -14.57 2.29
CA GLU B 299 -56.68 -15.91 2.21
C GLU B 299 -57.44 -16.13 0.90
N ASN B 300 -58.69 -15.66 0.83
CA ASN B 300 -59.58 -16.13 -0.23
C ASN B 300 -59.55 -15.23 -1.46
N LEU B 301 -58.36 -15.01 -2.04
CA LEU B 301 -58.25 -14.30 -3.31
C LEU B 301 -58.81 -15.17 -4.44
N PRO B 302 -59.58 -14.60 -5.38
CA PRO B 302 -60.04 -15.33 -6.57
C PRO B 302 -58.87 -15.93 -7.36
N PRO B 303 -59.07 -16.96 -8.21
CA PRO B 303 -57.99 -17.43 -9.08
C PRO B 303 -57.76 -16.33 -10.10
N LEU B 304 -56.51 -16.19 -10.57
CA LEU B 304 -56.12 -15.13 -11.48
C LEU B 304 -56.90 -15.27 -12.78
N THR B 305 -57.03 -16.52 -13.17
CA THR B 305 -57.56 -16.92 -14.46
C THR B 305 -58.93 -16.28 -14.67
N ALA B 306 -59.50 -15.71 -13.60
CA ALA B 306 -60.84 -15.14 -13.64
C ALA B 306 -60.79 -13.75 -14.25
N ASP B 307 -59.84 -12.93 -13.78
CA ASP B 307 -59.78 -11.52 -14.12
C ASP B 307 -59.14 -11.28 -15.47
N PHE B 308 -58.20 -12.15 -15.87
CA PHE B 308 -57.28 -11.84 -16.96
C PHE B 308 -57.30 -12.86 -18.10
N ALA B 309 -58.30 -13.75 -18.13
CA ALA B 309 -58.38 -14.75 -19.18
C ALA B 309 -59.85 -15.17 -19.41
N GLU B 310 -60.56 -15.46 -18.31
CA GLU B 310 -61.96 -15.89 -18.39
C GLU B 310 -62.85 -14.68 -18.64
N ASP B 311 -62.44 -13.54 -18.08
CA ASP B 311 -63.22 -12.32 -18.20
C ASP B 311 -63.40 -11.97 -19.67
N LYS B 312 -64.56 -11.33 -19.97
CA LYS B 312 -65.06 -11.02 -21.29
C LYS B 312 -64.40 -9.77 -21.88
N ASP B 313 -64.36 -8.68 -21.09
CA ASP B 313 -63.95 -7.39 -21.63
C ASP B 313 -62.50 -7.10 -21.26
N VAL B 314 -61.61 -8.09 -21.43
CA VAL B 314 -60.23 -7.96 -21.02
C VAL B 314 -59.47 -7.07 -22.00
N CYS B 315 -59.68 -7.31 -23.31
CA CYS B 315 -59.13 -6.51 -24.40
C CYS B 315 -59.50 -5.05 -24.19
N LYS B 316 -60.75 -4.84 -23.75
CA LYS B 316 -61.36 -3.53 -23.59
C LYS B 316 -60.67 -2.76 -22.47
N ASN B 317 -60.62 -3.35 -21.27
CA ASN B 317 -59.93 -2.75 -20.14
C ASN B 317 -58.48 -2.45 -20.50
N TYR B 318 -57.86 -3.34 -21.25
CA TYR B 318 -56.45 -3.20 -21.50
C TYR B 318 -56.21 -1.99 -22.42
N GLN B 319 -57.16 -1.72 -23.32
CA GLN B 319 -57.01 -0.59 -24.24
C GLN B 319 -57.25 0.71 -23.48
N GLU B 320 -58.14 0.68 -22.49
CA GLU B 320 -58.59 1.84 -21.72
C GLU B 320 -57.41 2.43 -20.93
N ALA B 321 -56.69 1.59 -20.17
CA ALA B 321 -55.61 2.08 -19.35
C ALA B 321 -54.47 1.08 -19.44
N LYS B 322 -53.76 1.11 -20.57
CA LYS B 322 -52.69 0.17 -20.88
C LYS B 322 -51.93 -0.23 -19.64
N ASP B 323 -51.27 0.77 -19.01
CA ASP B 323 -50.22 0.55 -18.02
C ASP B 323 -50.85 0.17 -16.68
N ALA B 324 -51.99 0.80 -16.39
CA ALA B 324 -52.75 0.51 -15.19
C ALA B 324 -53.18 -0.96 -15.21
N PHE B 325 -53.80 -1.38 -16.32
CA PHE B 325 -54.29 -2.75 -16.40
C PHE B 325 -53.14 -3.71 -16.17
N LEU B 326 -52.05 -3.52 -16.92
CA LEU B 326 -50.86 -4.36 -16.86
C LEU B 326 -50.21 -4.29 -15.48
N GLY B 327 -50.10 -3.10 -14.89
CA GLY B 327 -49.67 -2.97 -13.51
C GLY B 327 -50.53 -3.84 -12.58
N SER B 328 -51.85 -3.69 -12.70
CA SER B 328 -52.83 -4.49 -11.96
C SER B 328 -52.45 -5.98 -12.02
N PHE B 329 -52.34 -6.54 -13.23
CA PHE B 329 -51.84 -7.90 -13.39
C PHE B 329 -50.59 -8.11 -12.55
N LEU B 330 -49.57 -7.26 -12.76
CA LEU B 330 -48.27 -7.48 -12.14
C LEU B 330 -48.48 -7.57 -10.63
N TYR B 331 -49.40 -6.76 -10.09
CA TYR B 331 -49.62 -6.74 -8.67
C TYR B 331 -50.33 -8.01 -8.19
N GLU B 332 -51.45 -8.34 -8.85
CA GLU B 332 -52.30 -9.45 -8.45
C GLU B 332 -51.51 -10.75 -8.45
N TYR B 333 -50.65 -10.89 -9.47
CA TYR B 333 -49.84 -12.07 -9.67
C TYR B 333 -48.66 -12.10 -8.69
N SER B 334 -48.11 -10.92 -8.41
CA SER B 334 -46.93 -10.83 -7.57
C SER B 334 -47.30 -11.13 -6.13
N ARG B 335 -48.51 -10.75 -5.72
CA ARG B 335 -48.81 -10.80 -4.29
C ARG B 335 -49.18 -12.22 -3.88
N ARG B 336 -49.74 -12.93 -4.85
CA ARG B 336 -50.09 -14.33 -4.71
C ARG B 336 -48.85 -15.21 -4.60
N HIS B 337 -47.77 -14.87 -5.31
CA HIS B 337 -46.68 -15.81 -5.48
C HIS B 337 -45.36 -15.24 -4.95
N PRO B 338 -45.12 -15.24 -3.61
CA PRO B 338 -43.85 -14.72 -3.07
C PRO B 338 -42.68 -15.57 -3.55
N GLU B 339 -42.95 -16.83 -3.89
CA GLU B 339 -41.91 -17.82 -4.12
C GLU B 339 -41.31 -17.68 -5.52
N TYR B 340 -41.93 -16.90 -6.41
CA TYR B 340 -41.35 -16.71 -7.74
C TYR B 340 -40.27 -15.65 -7.60
N ALA B 341 -39.31 -15.63 -8.52
CA ALA B 341 -38.35 -14.54 -8.46
C ALA B 341 -38.94 -13.31 -9.14
N VAL B 342 -38.51 -12.14 -8.67
CA VAL B 342 -39.03 -10.88 -9.19
C VAL B 342 -38.83 -10.85 -10.71
N SER B 343 -37.69 -11.39 -11.16
CA SER B 343 -37.26 -11.32 -12.55
C SER B 343 -38.15 -12.23 -13.40
N VAL B 344 -38.70 -13.28 -12.77
CA VAL B 344 -39.61 -14.19 -13.45
C VAL B 344 -40.96 -13.50 -13.57
N LEU B 345 -41.38 -12.90 -12.46
CA LEU B 345 -42.72 -12.33 -12.37
C LEU B 345 -42.88 -11.29 -13.48
N LEU B 346 -41.78 -10.57 -13.72
CA LEU B 346 -41.75 -9.51 -14.71
C LEU B 346 -41.77 -10.10 -16.12
N ARG B 347 -41.19 -11.28 -16.27
CA ARG B 347 -41.19 -11.94 -17.56
C ARG B 347 -42.62 -12.36 -17.83
N LEU B 348 -43.29 -12.82 -16.76
CA LEU B 348 -44.67 -13.24 -16.89
C LEU B 348 -45.49 -12.06 -17.41
N ALA B 349 -45.16 -10.86 -16.91
CA ALA B 349 -45.86 -9.62 -17.21
C ALA B 349 -45.70 -9.21 -18.67
N LYS B 350 -44.45 -9.11 -19.18
CA LYS B 350 -44.22 -8.71 -20.57
C LYS B 350 -44.89 -9.73 -21.49
N GLU B 351 -44.79 -11.01 -21.12
CA GLU B 351 -45.40 -12.08 -21.89
C GLU B 351 -46.89 -11.83 -21.95
N TYR B 352 -47.48 -11.53 -20.79
CA TYR B 352 -48.91 -11.29 -20.75
C TYR B 352 -49.19 -10.14 -21.70
N GLU B 353 -48.35 -9.12 -21.63
CA GLU B 353 -48.51 -7.92 -22.45
C GLU B 353 -48.58 -8.34 -23.91
N ALA B 354 -47.54 -9.07 -24.32
CA ALA B 354 -47.44 -9.59 -25.67
C ALA B 354 -48.70 -10.37 -26.04
N THR B 355 -49.21 -11.22 -25.14
CA THR B 355 -50.32 -12.08 -25.51
C THR B 355 -51.56 -11.24 -25.83
N LEU B 356 -51.69 -10.08 -25.16
CA LEU B 356 -52.87 -9.22 -25.25
C LEU B 356 -52.82 -8.32 -26.48
N GLU B 357 -51.62 -7.78 -26.74
CA GLU B 357 -51.26 -6.97 -27.89
C GLU B 357 -51.45 -7.73 -29.20
N GLU B 358 -51.11 -9.02 -29.21
CA GLU B 358 -51.40 -9.86 -30.35
C GLU B 358 -52.90 -10.17 -30.42
N CYS B 359 -53.51 -10.59 -29.29
CA CYS B 359 -54.85 -11.16 -29.32
C CYS B 359 -55.94 -10.11 -29.49
N CYS B 360 -55.61 -8.83 -29.25
CA CYS B 360 -56.65 -7.81 -29.25
C CYS B 360 -57.01 -7.35 -30.66
N ALA B 361 -56.02 -7.34 -31.56
CA ALA B 361 -56.17 -6.97 -32.96
C ALA B 361 -56.67 -8.13 -33.81
N LYS B 362 -57.18 -9.17 -33.14
CA LYS B 362 -57.67 -10.38 -33.79
C LYS B 362 -59.20 -10.43 -33.82
N ASP B 363 -59.68 -11.40 -34.60
CA ASP B 363 -61.09 -11.60 -34.92
C ASP B 363 -61.93 -11.85 -33.67
N ASP B 364 -61.66 -12.99 -32.98
CA ASP B 364 -62.37 -13.43 -31.79
C ASP B 364 -61.42 -13.33 -30.59
N PRO B 365 -61.05 -12.13 -30.11
CA PRO B 365 -59.96 -11.97 -29.15
C PRO B 365 -59.99 -12.83 -27.90
N HIS B 366 -61.19 -13.13 -27.39
CA HIS B 366 -61.35 -13.91 -26.16
C HIS B 366 -60.85 -15.34 -26.37
N ALA B 367 -61.22 -15.92 -27.53
CA ALA B 367 -60.82 -17.26 -27.91
C ALA B 367 -59.31 -17.38 -27.95
N CYS B 368 -58.63 -16.26 -28.23
CA CYS B 368 -57.18 -16.20 -28.36
C CYS B 368 -56.49 -16.06 -26.99
N TYR B 369 -57.03 -15.20 -26.11
CA TYR B 369 -56.36 -14.88 -24.86
C TYR B 369 -56.78 -15.81 -23.72
N SER B 370 -57.87 -16.57 -23.91
CA SER B 370 -58.40 -17.52 -22.95
C SER B 370 -57.30 -18.39 -22.34
N THR B 371 -56.34 -18.78 -23.18
CA THR B 371 -55.33 -19.75 -22.81
C THR B 371 -53.99 -19.05 -22.70
N VAL B 372 -53.97 -17.96 -21.95
CA VAL B 372 -52.73 -17.24 -21.80
C VAL B 372 -51.92 -17.92 -20.70
N PHE B 373 -52.62 -18.45 -19.69
CA PHE B 373 -51.94 -19.01 -18.54
C PHE B 373 -51.26 -20.33 -18.92
N ASP B 374 -51.31 -20.62 -20.23
CA ASP B 374 -50.67 -21.77 -20.83
C ASP B 374 -49.28 -21.41 -21.34
N LYS B 375 -49.18 -20.40 -22.21
CA LYS B 375 -47.86 -19.89 -22.58
C LYS B 375 -47.17 -19.34 -21.33
N LEU B 376 -47.94 -19.19 -20.25
CA LEU B 376 -47.50 -18.51 -19.03
C LEU B 376 -46.80 -19.48 -18.08
N LYS B 377 -47.37 -20.68 -17.89
CA LYS B 377 -46.73 -21.66 -17.02
C LYS B 377 -45.37 -22.03 -17.60
N HIS B 378 -45.27 -21.95 -18.92
CA HIS B 378 -44.11 -22.40 -19.63
C HIS B 378 -42.92 -21.45 -19.44
N LEU B 379 -43.09 -20.48 -18.55
CA LEU B 379 -41.98 -19.57 -18.31
C LEU B 379 -41.61 -19.54 -16.85
N VAL B 380 -42.14 -20.49 -16.09
CA VAL B 380 -41.75 -20.68 -14.70
C VAL B 380 -40.90 -21.94 -14.63
N ASP B 381 -40.96 -22.73 -15.70
CA ASP B 381 -40.31 -24.02 -15.73
C ASP B 381 -38.96 -23.85 -16.41
N GLU B 382 -38.91 -22.97 -17.41
CA GLU B 382 -37.66 -22.71 -18.13
C GLU B 382 -36.52 -22.46 -17.13
N PRO B 383 -36.69 -21.58 -16.09
CA PRO B 383 -35.63 -21.35 -15.09
C PRO B 383 -35.29 -22.55 -14.21
N GLN B 384 -36.33 -23.35 -13.95
CA GLN B 384 -36.37 -24.37 -12.93
C GLN B 384 -35.36 -25.50 -13.23
N ASN B 385 -35.15 -25.80 -14.52
CA ASN B 385 -34.30 -26.93 -14.92
C ASN B 385 -32.84 -26.50 -15.06
N LEU B 386 -32.62 -25.19 -15.28
CA LEU B 386 -31.26 -24.70 -15.42
C LEU B 386 -30.66 -24.41 -14.04
N ILE B 387 -31.50 -24.19 -13.02
CA ILE B 387 -30.96 -24.24 -11.67
C ILE B 387 -30.53 -25.68 -11.32
N LYS B 388 -31.43 -26.67 -11.53
CA LYS B 388 -31.16 -28.06 -11.19
C LYS B 388 -29.71 -28.40 -11.51
N GLN B 389 -29.30 -28.09 -12.74
CA GLN B 389 -28.00 -28.48 -13.26
C GLN B 389 -26.90 -27.79 -12.47
N ASN B 390 -27.10 -26.49 -12.22
CA ASN B 390 -26.10 -25.61 -11.61
C ASN B 390 -25.78 -26.07 -10.19
N CYS B 391 -26.84 -26.36 -9.42
CA CYS B 391 -26.64 -26.81 -8.06
C CYS B 391 -26.09 -28.24 -8.06
N ASP B 392 -26.48 -29.01 -9.08
CA ASP B 392 -25.89 -30.32 -9.31
C ASP B 392 -24.39 -30.13 -9.53
N GLN B 393 -24.07 -29.14 -10.36
CA GLN B 393 -22.70 -28.87 -10.75
C GLN B 393 -21.91 -28.26 -9.59
N PHE B 394 -22.49 -27.26 -8.90
CA PHE B 394 -21.80 -26.59 -7.83
C PHE B 394 -21.32 -27.62 -6.79
N GLU B 395 -22.26 -28.46 -6.31
CA GLU B 395 -21.98 -29.37 -5.22
C GLU B 395 -20.92 -30.39 -5.63
N LYS B 396 -20.88 -30.71 -6.93
CA LYS B 396 -20.02 -31.75 -7.50
C LYS B 396 -18.66 -31.20 -7.89
N LEU B 397 -18.48 -29.87 -7.75
CA LEU B 397 -17.24 -29.21 -8.15
C LEU B 397 -16.71 -28.22 -7.11
N GLY B 398 -17.56 -27.75 -6.17
CA GLY B 398 -17.22 -26.74 -5.19
C GLY B 398 -17.09 -25.35 -5.83
N GLU B 399 -16.74 -24.33 -5.06
CA GLU B 399 -16.87 -22.96 -5.58
C GLU B 399 -15.91 -22.69 -6.75
N TYR B 400 -14.60 -22.78 -6.47
CA TYR B 400 -13.57 -22.41 -7.41
C TYR B 400 -13.64 -23.32 -8.64
N GLY B 401 -14.19 -24.53 -8.46
CA GLY B 401 -14.21 -25.48 -9.55
C GLY B 401 -15.34 -25.19 -10.53
N PHE B 402 -16.51 -24.89 -9.97
CA PHE B 402 -17.67 -24.44 -10.72
C PHE B 402 -17.35 -23.14 -11.47
N GLN B 403 -16.69 -22.20 -10.78
CA GLN B 403 -16.23 -20.94 -11.35
C GLN B 403 -15.46 -21.17 -12.66
N ASN B 404 -14.59 -22.19 -12.67
CA ASN B 404 -13.69 -22.46 -13.79
C ASN B 404 -14.49 -23.06 -14.94
N ALA B 405 -15.55 -23.81 -14.61
CA ALA B 405 -16.38 -24.43 -15.64
C ALA B 405 -17.11 -23.34 -16.40
N LEU B 406 -17.53 -22.31 -15.63
CA LEU B 406 -18.21 -21.13 -16.11
C LEU B 406 -17.29 -20.31 -17.00
N ILE B 407 -16.03 -20.11 -16.58
CA ILE B 407 -15.05 -19.41 -17.40
C ILE B 407 -15.03 -20.06 -18.77
N VAL B 408 -15.14 -21.38 -18.78
CA VAL B 408 -14.99 -22.08 -20.03
C VAL B 408 -16.24 -21.89 -20.88
N ARG B 409 -17.40 -21.89 -20.23
CA ARG B 409 -18.68 -21.75 -20.93
C ARG B 409 -18.89 -20.34 -21.46
N TYR B 410 -18.50 -19.33 -20.68
CA TYR B 410 -18.69 -17.95 -21.08
C TYR B 410 -17.67 -17.53 -22.15
N THR B 411 -16.42 -18.03 -22.04
CA THR B 411 -15.35 -17.66 -22.98
C THR B 411 -15.66 -18.24 -24.35
N ARG B 412 -16.37 -19.38 -24.36
CA ARG B 412 -16.87 -19.95 -25.59
C ARG B 412 -18.06 -19.17 -26.14
N LYS B 413 -18.97 -18.74 -25.24
CA LYS B 413 -20.22 -18.06 -25.59
C LYS B 413 -19.93 -16.75 -26.33
N VAL B 414 -19.05 -15.94 -25.74
CA VAL B 414 -18.77 -14.57 -26.17
C VAL B 414 -17.27 -14.33 -26.07
N PRO B 415 -16.43 -15.05 -26.87
CA PRO B 415 -14.96 -14.97 -26.74
C PRO B 415 -14.43 -13.57 -26.98
N GLN B 416 -15.37 -12.70 -27.35
CA GLN B 416 -15.11 -11.34 -27.77
C GLN B 416 -14.79 -10.47 -26.55
N VAL B 417 -15.38 -10.83 -25.40
CA VAL B 417 -15.43 -9.98 -24.20
C VAL B 417 -14.04 -9.83 -23.58
N SER B 418 -13.76 -8.68 -22.97
CA SER B 418 -12.48 -8.38 -22.31
C SER B 418 -12.10 -9.51 -21.36
N THR B 419 -10.85 -9.98 -21.43
CA THR B 419 -10.44 -11.03 -20.50
C THR B 419 -10.81 -10.64 -19.07
N PRO B 420 -10.35 -9.48 -18.55
CA PRO B 420 -10.72 -9.04 -17.21
C PRO B 420 -12.21 -9.07 -16.81
N THR B 421 -13.11 -8.81 -17.78
CA THR B 421 -14.56 -8.83 -17.59
C THR B 421 -15.06 -10.26 -17.38
N LEU B 422 -14.55 -11.19 -18.23
CA LEU B 422 -14.87 -12.62 -18.25
C LEU B 422 -14.40 -13.31 -16.97
N VAL B 423 -13.23 -12.89 -16.46
CA VAL B 423 -12.73 -13.39 -15.19
C VAL B 423 -13.65 -12.92 -14.06
N GLU B 424 -13.87 -11.59 -13.92
CA GLU B 424 -14.69 -11.05 -12.85
C GLU B 424 -16.10 -11.62 -12.93
N VAL B 425 -16.70 -11.61 -14.14
CA VAL B 425 -18.09 -12.00 -14.30
C VAL B 425 -18.27 -13.44 -13.89
N SER B 426 -17.36 -14.31 -14.39
CA SER B 426 -17.49 -15.74 -14.23
C SER B 426 -17.28 -16.12 -12.77
N ARG B 427 -16.41 -15.35 -12.12
CA ARG B 427 -16.21 -15.51 -10.69
C ARG B 427 -17.50 -15.18 -9.93
N SER B 428 -18.29 -14.21 -10.42
CA SER B 428 -19.50 -13.84 -9.72
C SER B 428 -20.64 -14.81 -10.01
N LEU B 429 -20.79 -15.26 -11.25
CA LEU B 429 -21.79 -16.28 -11.48
C LEU B 429 -21.49 -17.52 -10.63
N GLY B 430 -20.19 -17.78 -10.37
CA GLY B 430 -19.75 -18.87 -9.52
C GLY B 430 -20.26 -18.79 -8.08
N LYS B 431 -20.03 -17.64 -7.44
CA LYS B 431 -20.38 -17.42 -6.05
C LYS B 431 -21.88 -17.63 -5.84
N VAL B 432 -22.62 -17.68 -6.96
CA VAL B 432 -24.07 -17.73 -6.92
C VAL B 432 -24.50 -19.10 -6.41
N GLY B 433 -23.77 -20.14 -6.83
CA GLY B 433 -23.90 -21.49 -6.32
C GLY B 433 -23.81 -21.52 -4.80
N THR B 434 -22.74 -20.93 -4.28
CA THR B 434 -22.46 -20.91 -2.86
C THR B 434 -23.42 -20.00 -2.09
N ARG B 435 -24.20 -19.18 -2.81
CA ARG B 435 -25.23 -18.37 -2.18
C ARG B 435 -26.54 -19.15 -2.10
N CYS B 436 -26.93 -19.80 -3.20
CA CYS B 436 -28.29 -20.28 -3.37
C CYS B 436 -28.46 -21.76 -3.12
N CYS B 437 -27.58 -22.62 -3.68
CA CYS B 437 -27.76 -24.07 -3.65
C CYS B 437 -27.90 -24.62 -2.23
N THR B 438 -27.19 -23.96 -1.29
CA THR B 438 -27.35 -24.12 0.15
C THR B 438 -28.80 -23.93 0.58
N LYS B 439 -29.45 -22.85 0.11
CA LYS B 439 -30.79 -22.46 0.53
C LYS B 439 -31.82 -23.53 0.18
N PRO B 440 -32.85 -23.72 1.04
CA PRO B 440 -33.91 -24.72 0.83
C PRO B 440 -34.47 -24.91 -0.59
N GLU B 441 -34.48 -26.18 -1.01
CA GLU B 441 -34.69 -26.66 -2.37
C GLU B 441 -35.73 -25.86 -3.16
N SER B 442 -36.70 -25.23 -2.50
CA SER B 442 -37.72 -24.50 -3.25
C SER B 442 -37.54 -22.98 -3.14
N GLU B 443 -36.54 -22.53 -2.36
CA GLU B 443 -36.13 -21.13 -2.29
C GLU B 443 -35.08 -20.80 -3.36
N ARG B 444 -34.62 -21.84 -4.07
CA ARG B 444 -33.42 -21.87 -4.89
C ARG B 444 -33.48 -20.90 -6.08
N MET B 445 -34.38 -21.22 -7.04
CA MET B 445 -34.65 -20.49 -8.28
C MET B 445 -34.81 -18.97 -8.08
N PRO B 446 -35.55 -18.45 -7.07
CA PRO B 446 -35.58 -17.00 -6.88
C PRO B 446 -34.26 -16.36 -6.47
N CYS B 447 -33.54 -17.03 -5.56
CA CYS B 447 -32.23 -16.55 -5.13
C CYS B 447 -31.34 -16.34 -6.35
N THR B 448 -31.23 -17.40 -7.16
CA THR B 448 -30.35 -17.47 -8.32
C THR B 448 -30.83 -16.50 -9.38
N GLU B 449 -32.16 -16.37 -9.53
CA GLU B 449 -32.70 -15.48 -10.55
C GLU B 449 -32.34 -14.04 -10.24
N ASP B 450 -32.38 -13.67 -8.95
CA ASP B 450 -32.05 -12.30 -8.55
C ASP B 450 -30.55 -12.05 -8.76
N TYR B 451 -29.69 -12.93 -8.23
CA TYR B 451 -28.27 -12.62 -8.26
C TYR B 451 -27.75 -12.64 -9.68
N LEU B 452 -28.35 -13.48 -10.54
CA LEU B 452 -27.90 -13.50 -11.92
C LEU B 452 -28.29 -12.18 -12.58
N SER B 453 -29.43 -11.66 -12.13
CA SER B 453 -29.98 -10.42 -12.63
C SER B 453 -29.01 -9.27 -12.40
N LEU B 454 -28.42 -9.23 -11.20
CA LEU B 454 -27.37 -8.28 -10.84
C LEU B 454 -26.10 -8.51 -11.66
N ILE B 455 -25.54 -9.73 -11.52
CA ILE B 455 -24.25 -10.10 -12.09
C ILE B 455 -24.25 -9.91 -13.62
N LEU B 456 -25.31 -10.37 -14.30
CA LEU B 456 -25.39 -10.18 -15.74
C LEU B 456 -25.40 -8.70 -16.10
N ASN B 457 -26.11 -7.87 -15.31
CA ASN B 457 -26.16 -6.43 -15.51
C ASN B 457 -24.74 -5.87 -15.40
N ARG B 458 -24.02 -6.32 -14.39
CA ARG B 458 -22.63 -5.89 -14.25
C ARG B 458 -21.87 -6.12 -15.56
N LEU B 459 -22.14 -7.25 -16.22
CA LEU B 459 -21.45 -7.61 -17.44
C LEU B 459 -21.82 -6.60 -18.50
N CYS B 460 -23.12 -6.30 -18.56
CA CYS B 460 -23.69 -5.41 -19.54
C CYS B 460 -23.12 -4.00 -19.37
N VAL B 461 -22.98 -3.60 -18.11
CA VAL B 461 -22.54 -2.27 -17.73
C VAL B 461 -21.09 -2.10 -18.14
N LEU B 462 -20.27 -3.15 -17.95
CA LEU B 462 -18.87 -3.04 -18.30
C LEU B 462 -18.76 -3.09 -19.81
N HIS B 463 -19.67 -3.84 -20.45
CA HIS B 463 -19.55 -4.06 -21.87
C HIS B 463 -19.97 -2.82 -22.63
N GLU B 464 -21.18 -2.30 -22.32
CA GLU B 464 -21.78 -1.15 -22.99
C GLU B 464 -20.76 -0.05 -23.16
N LYS B 465 -19.90 0.16 -22.14
CA LYS B 465 -18.91 1.24 -22.04
C LYS B 465 -17.96 1.24 -23.23
N THR B 466 -17.51 0.04 -23.61
CA THR B 466 -16.50 -0.15 -24.64
C THR B 466 -16.78 -1.52 -25.28
N PRO B 467 -17.74 -1.55 -26.26
CA PRO B 467 -18.38 -2.78 -26.71
C PRO B 467 -17.54 -3.65 -27.65
N VAL B 468 -17.79 -4.98 -27.64
CA VAL B 468 -17.02 -5.93 -28.45
C VAL B 468 -17.85 -7.13 -28.95
N SER B 469 -18.75 -7.69 -28.14
CA SER B 469 -19.57 -8.78 -28.62
C SER B 469 -20.98 -8.29 -28.96
N GLU B 470 -21.36 -8.33 -30.25
CA GLU B 470 -22.73 -8.02 -30.64
C GLU B 470 -23.68 -8.98 -29.93
N LYS B 471 -23.16 -10.13 -29.55
CA LYS B 471 -23.94 -11.11 -28.81
C LYS B 471 -24.30 -10.54 -27.44
N VAL B 472 -23.29 -9.96 -26.77
CA VAL B 472 -23.45 -9.37 -25.45
C VAL B 472 -24.40 -8.20 -25.58
N THR B 473 -24.15 -7.35 -26.57
CA THR B 473 -24.96 -6.15 -26.76
C THR B 473 -26.40 -6.53 -27.08
N LYS B 474 -26.61 -7.32 -28.11
CA LYS B 474 -27.95 -7.78 -28.44
C LYS B 474 -28.66 -8.29 -27.18
N CYS B 475 -27.95 -9.00 -26.32
CA CYS B 475 -28.60 -9.62 -25.17
C CYS B 475 -28.90 -8.57 -24.12
N CYS B 476 -28.01 -7.59 -24.03
CA CYS B 476 -28.03 -6.63 -22.94
C CYS B 476 -29.17 -5.65 -23.12
N THR B 477 -29.54 -5.38 -24.40
CA THR B 477 -30.33 -4.23 -24.82
C THR B 477 -31.74 -4.63 -25.23
N GLU B 478 -31.86 -5.82 -25.81
CA GLU B 478 -33.15 -6.31 -26.27
C GLU B 478 -34.17 -6.39 -25.15
N SER B 479 -33.77 -6.84 -23.96
CA SER B 479 -34.72 -6.96 -22.86
C SER B 479 -34.03 -6.68 -21.53
N LEU B 480 -34.81 -6.30 -20.51
CA LEU B 480 -34.19 -6.26 -19.20
C LEU B 480 -34.45 -7.55 -18.44
N VAL B 481 -35.70 -8.02 -18.53
CA VAL B 481 -36.17 -9.19 -17.81
C VAL B 481 -35.69 -10.50 -18.45
N ASN B 482 -35.47 -10.47 -19.76
CA ASN B 482 -35.16 -11.69 -20.48
C ASN B 482 -33.65 -11.78 -20.74
N ARG B 483 -32.89 -10.94 -20.03
CA ARG B 483 -31.44 -10.95 -20.14
C ARG B 483 -30.85 -12.32 -19.76
N ARG B 484 -31.36 -12.91 -18.67
CA ARG B 484 -30.78 -14.15 -18.19
C ARG B 484 -31.02 -15.26 -19.20
N PRO B 485 -32.28 -15.53 -19.63
CA PRO B 485 -32.53 -16.53 -20.68
C PRO B 485 -31.65 -16.26 -21.90
N CYS B 486 -31.62 -15.00 -22.33
CA CYS B 486 -30.88 -14.61 -23.51
C CYS B 486 -29.48 -15.20 -23.47
N PHE B 487 -28.83 -15.19 -22.30
CA PHE B 487 -27.44 -15.62 -22.25
C PHE B 487 -27.29 -17.13 -22.26
N SER B 488 -28.24 -17.84 -21.62
CA SER B 488 -28.29 -19.28 -21.66
C SER B 488 -28.37 -19.78 -23.11
N ALA B 489 -29.18 -19.08 -23.92
CA ALA B 489 -29.45 -19.41 -25.31
C ALA B 489 -28.17 -19.41 -26.15
N LEU B 490 -27.29 -18.42 -25.93
CA LEU B 490 -26.08 -18.25 -26.73
C LEU B 490 -25.25 -19.53 -26.75
N THR B 491 -24.65 -19.80 -27.93
CA THR B 491 -23.72 -20.88 -28.17
C THR B 491 -22.42 -20.33 -28.75
N PRO B 492 -21.32 -21.12 -28.82
CA PRO B 492 -20.04 -20.62 -29.34
C PRO B 492 -20.16 -20.24 -30.82
N ASP B 493 -19.22 -19.40 -31.29
CA ASP B 493 -19.29 -18.83 -32.62
C ASP B 493 -18.24 -19.45 -33.53
N GLU B 494 -18.69 -20.09 -34.62
CA GLU B 494 -17.80 -20.56 -35.68
C GLU B 494 -17.23 -19.36 -36.43
N THR B 495 -17.93 -18.22 -36.30
CA THR B 495 -17.46 -16.93 -36.76
C THR B 495 -16.15 -16.55 -36.08
N TYR B 496 -15.93 -17.02 -34.84
CA TYR B 496 -14.79 -16.57 -34.06
C TYR B 496 -13.49 -17.15 -34.58
N VAL B 497 -12.67 -16.27 -35.18
CA VAL B 497 -11.31 -16.59 -35.55
C VAL B 497 -10.53 -16.63 -34.25
N PRO B 498 -9.85 -17.75 -33.95
CA PRO B 498 -9.10 -17.89 -32.69
C PRO B 498 -8.00 -16.82 -32.59
N LYS B 499 -7.72 -16.36 -31.36
CA LYS B 499 -6.66 -15.37 -31.12
C LYS B 499 -5.30 -16.08 -31.09
N ALA B 500 -4.28 -15.40 -31.64
CA ALA B 500 -2.96 -15.98 -31.87
C ALA B 500 -2.28 -16.26 -30.54
N PHE B 501 -1.17 -17.00 -30.61
CA PHE B 501 -0.45 -17.33 -29.40
C PHE B 501 0.31 -16.10 -28.90
N ASP B 502 0.00 -15.62 -27.68
CA ASP B 502 0.86 -14.64 -27.04
C ASP B 502 1.48 -15.20 -25.77
N GLU B 503 2.82 -15.33 -25.81
CA GLU B 503 3.58 -16.02 -24.77
C GLU B 503 3.50 -15.27 -23.43
N LYS B 504 3.20 -13.97 -23.46
CA LYS B 504 3.28 -13.21 -22.22
C LYS B 504 2.03 -13.50 -21.41
N LEU B 505 1.02 -14.11 -22.05
CA LEU B 505 -0.25 -14.39 -21.39
C LEU B 505 -0.06 -15.58 -20.47
N PHE B 506 0.95 -16.42 -20.81
CA PHE B 506 1.21 -17.67 -20.12
C PHE B 506 2.67 -17.73 -19.66
N THR B 507 3.22 -16.57 -19.24
CA THR B 507 4.48 -16.57 -18.51
C THR B 507 4.22 -16.30 -17.03
N PHE B 508 4.77 -17.19 -16.20
CA PHE B 508 4.62 -17.14 -14.75
C PHE B 508 5.95 -16.83 -14.09
N HIS B 509 5.99 -15.69 -13.41
CA HIS B 509 7.17 -15.20 -12.71
C HIS B 509 7.08 -15.61 -11.24
N ALA B 510 8.23 -15.63 -10.54
CA ALA B 510 8.34 -16.04 -9.14
C ALA B 510 7.49 -15.14 -8.24
N ASP B 511 6.64 -14.38 -8.91
CA ASP B 511 5.87 -13.30 -8.36
C ASP B 511 4.50 -13.88 -8.01
N ILE B 512 4.29 -15.17 -8.29
CA ILE B 512 2.97 -15.75 -8.14
C ILE B 512 2.77 -16.29 -6.72
N CYS B 513 3.84 -16.30 -5.93
CA CYS B 513 3.78 -16.82 -4.56
C CYS B 513 3.59 -15.69 -3.56
N THR B 514 4.02 -14.48 -3.91
CA THR B 514 3.62 -13.28 -3.21
C THR B 514 2.09 -13.22 -3.18
N LEU B 515 1.45 -13.68 -4.25
CA LEU B 515 0.05 -13.31 -4.44
C LEU B 515 -0.86 -14.00 -3.40
N PRO B 516 -1.75 -13.22 -2.73
CA PRO B 516 -2.87 -13.75 -1.93
C PRO B 516 -3.73 -14.79 -2.63
N ASP B 517 -4.57 -15.49 -1.88
CA ASP B 517 -5.30 -16.63 -2.44
C ASP B 517 -6.28 -16.16 -3.52
N THR B 518 -6.90 -15.01 -3.28
CA THR B 518 -7.87 -14.48 -4.23
C THR B 518 -7.15 -14.11 -5.54
N GLU B 519 -6.12 -13.26 -5.45
CA GLU B 519 -5.42 -12.73 -6.62
C GLU B 519 -4.60 -13.81 -7.33
N LYS B 520 -4.45 -14.98 -6.69
CA LYS B 520 -3.67 -16.11 -7.18
C LYS B 520 -4.52 -16.95 -8.12
N GLN B 521 -5.80 -17.09 -7.78
CA GLN B 521 -6.74 -17.77 -8.65
C GLN B 521 -6.95 -16.91 -9.88
N ILE B 522 -7.05 -15.58 -9.66
CA ILE B 522 -7.37 -14.64 -10.72
C ILE B 522 -6.33 -14.74 -11.83
N LYS B 523 -5.02 -14.76 -11.47
CA LYS B 523 -3.93 -14.97 -12.42
C LYS B 523 -4.13 -16.31 -13.15
N LYS B 524 -4.57 -17.31 -12.38
CA LYS B 524 -4.78 -18.64 -12.92
C LYS B 524 -5.93 -18.59 -13.91
N GLN B 525 -7.06 -18.01 -13.46
CA GLN B 525 -8.31 -17.99 -14.21
C GLN B 525 -8.18 -17.12 -15.46
N THR B 526 -7.42 -16.01 -15.37
CA THR B 526 -7.06 -15.19 -16.52
C THR B 526 -6.42 -16.05 -17.61
N ALA B 527 -5.43 -16.88 -17.20
CA ALA B 527 -4.71 -17.77 -18.10
C ALA B 527 -5.63 -18.80 -18.76
N LEU B 528 -6.64 -19.30 -18.01
CA LEU B 528 -7.67 -20.17 -18.57
C LEU B 528 -8.41 -19.48 -19.72
N VAL B 529 -8.78 -18.20 -19.53
CA VAL B 529 -9.53 -17.44 -20.54
C VAL B 529 -8.66 -17.30 -21.80
N GLU B 530 -7.38 -16.94 -21.61
CA GLU B 530 -6.47 -16.66 -22.72
C GLU B 530 -6.10 -17.95 -23.44
N LEU B 531 -6.28 -19.09 -22.77
CA LEU B 531 -6.17 -20.39 -23.40
C LEU B 531 -7.38 -20.59 -24.32
N LEU B 532 -8.58 -20.51 -23.73
CA LEU B 532 -9.86 -20.71 -24.42
C LEU B 532 -10.02 -19.74 -25.59
N LYS B 533 -9.35 -18.58 -25.50
CA LYS B 533 -9.38 -17.60 -26.58
C LYS B 533 -8.49 -18.03 -27.74
N HIS B 534 -7.31 -18.62 -27.43
CA HIS B 534 -6.33 -19.08 -28.43
C HIS B 534 -6.77 -20.40 -29.08
N LYS B 535 -7.16 -21.38 -28.28
CA LYS B 535 -7.72 -22.62 -28.81
C LYS B 535 -9.16 -22.75 -28.30
N PRO B 536 -10.16 -22.23 -29.05
CA PRO B 536 -11.58 -22.27 -28.66
C PRO B 536 -12.28 -23.60 -28.90
N LYS B 537 -11.58 -24.54 -29.54
CA LYS B 537 -12.17 -25.82 -29.89
C LYS B 537 -11.86 -26.88 -28.81
N ALA B 538 -11.01 -26.52 -27.85
CA ALA B 538 -10.35 -27.49 -26.97
C ALA B 538 -11.32 -28.13 -25.97
N THR B 539 -11.46 -29.46 -26.06
CA THR B 539 -12.33 -30.22 -25.17
C THR B 539 -11.74 -30.27 -23.77
N GLU B 540 -12.64 -30.15 -22.79
CA GLU B 540 -12.34 -30.12 -21.37
C GLU B 540 -11.42 -31.26 -20.99
N GLU B 541 -11.50 -32.38 -21.73
CA GLU B 541 -10.59 -33.52 -21.61
C GLU B 541 -9.18 -32.98 -21.39
N GLN B 542 -8.76 -32.10 -22.31
CA GLN B 542 -7.43 -31.52 -22.38
C GLN B 542 -7.23 -30.47 -21.28
N LEU B 543 -8.18 -29.51 -21.16
CA LEU B 543 -8.08 -28.45 -20.16
C LEU B 543 -7.92 -29.04 -18.75
N LYS B 544 -8.46 -30.24 -18.53
CA LYS B 544 -8.27 -30.99 -17.29
C LYS B 544 -6.78 -31.15 -16.94
N THR B 545 -5.99 -31.79 -17.82
CA THR B 545 -4.55 -31.97 -17.58
C THR B 545 -3.79 -30.64 -17.63
N VAL B 546 -4.29 -29.63 -18.37
CA VAL B 546 -3.63 -28.34 -18.44
C VAL B 546 -3.72 -27.60 -17.11
N MET B 547 -4.93 -27.55 -16.51
CA MET B 547 -5.20 -27.02 -15.18
C MET B 547 -4.37 -27.79 -14.14
N GLU B 548 -4.34 -29.13 -14.27
CA GLU B 548 -3.53 -29.97 -13.40
C GLU B 548 -2.06 -29.60 -13.59
N ASN B 549 -1.72 -29.02 -14.75
CA ASN B 549 -0.34 -28.78 -15.13
C ASN B 549 0.20 -27.46 -14.58
N PHE B 550 -0.58 -26.36 -14.71
CA PHE B 550 -0.25 -25.11 -14.04
C PHE B 550 0.02 -25.44 -12.57
N VAL B 551 -0.86 -26.25 -11.96
CA VAL B 551 -0.75 -26.56 -10.55
C VAL B 551 0.49 -27.41 -10.28
N ALA B 552 0.84 -28.30 -11.23
CA ALA B 552 2.04 -29.11 -11.13
C ALA B 552 3.26 -28.19 -11.01
N PHE B 553 3.12 -26.98 -11.57
CA PHE B 553 4.24 -26.07 -11.76
C PHE B 553 4.24 -24.94 -10.71
N VAL B 554 3.10 -24.23 -10.54
CA VAL B 554 3.02 -23.15 -9.56
C VAL B 554 3.58 -23.66 -8.23
N ASP B 555 3.17 -24.88 -7.84
CA ASP B 555 3.51 -25.47 -6.57
C ASP B 555 4.99 -25.86 -6.51
N LYS B 556 5.48 -26.43 -7.60
CA LYS B 556 6.80 -27.03 -7.67
C LYS B 556 7.89 -25.97 -7.52
N CYS B 557 7.53 -24.68 -7.73
CA CYS B 557 8.51 -23.61 -7.70
C CYS B 557 8.28 -22.70 -6.49
N CYS B 558 7.02 -22.35 -6.22
CA CYS B 558 6.66 -21.50 -5.09
C CYS B 558 7.12 -22.12 -3.79
N ALA B 559 7.63 -23.36 -3.89
CA ALA B 559 8.07 -24.09 -2.72
C ALA B 559 9.46 -24.67 -2.98
N ALA B 560 10.11 -24.23 -4.07
CA ALA B 560 11.40 -24.80 -4.49
C ALA B 560 12.56 -24.17 -3.72
N ASP B 561 13.76 -24.71 -3.95
CA ASP B 561 14.95 -24.24 -3.26
C ASP B 561 15.22 -22.77 -3.59
N ASP B 562 15.10 -22.43 -4.88
CA ASP B 562 15.29 -21.08 -5.37
C ASP B 562 14.11 -20.76 -6.27
N LYS B 563 13.27 -19.81 -5.84
CA LYS B 563 12.00 -19.51 -6.50
C LYS B 563 12.16 -19.37 -8.02
N GLU B 564 13.23 -18.73 -8.46
CA GLU B 564 13.32 -18.21 -9.82
C GLU B 564 13.92 -19.22 -10.81
N ALA B 565 14.99 -19.92 -10.42
CA ALA B 565 15.64 -20.87 -11.31
C ALA B 565 14.60 -21.86 -11.85
N CYS B 566 13.52 -22.06 -11.09
CA CYS B 566 12.45 -22.96 -11.47
C CYS B 566 11.58 -22.28 -12.53
N PHE B 567 10.97 -21.13 -12.19
CA PHE B 567 10.12 -20.39 -13.12
C PHE B 567 10.91 -20.11 -14.41
N ALA B 568 12.21 -19.89 -14.24
CA ALA B 568 13.14 -19.76 -15.34
C ALA B 568 12.99 -20.92 -16.32
N VAL B 569 13.47 -22.13 -15.95
CA VAL B 569 13.63 -23.27 -16.85
C VAL B 569 12.34 -24.10 -16.97
N GLU B 570 11.58 -24.21 -15.86
CA GLU B 570 10.40 -25.07 -15.82
C GLU B 570 9.19 -24.36 -16.46
N GLY B 571 9.25 -23.03 -16.52
CA GLY B 571 8.19 -22.26 -17.15
C GLY B 571 8.05 -22.61 -18.64
N PRO B 572 9.11 -22.36 -19.45
CA PRO B 572 9.06 -22.62 -20.89
C PRO B 572 8.70 -24.06 -21.25
N LYS B 573 9.13 -25.01 -20.42
CA LYS B 573 8.68 -26.38 -20.51
C LYS B 573 7.15 -26.33 -20.65
N LEU B 574 6.48 -25.81 -19.62
CA LEU B 574 5.03 -25.85 -19.56
C LEU B 574 4.42 -25.32 -20.86
N VAL B 575 5.12 -24.38 -21.50
CA VAL B 575 4.54 -23.64 -22.61
C VAL B 575 4.59 -24.50 -23.87
N VAL B 576 5.78 -25.05 -24.17
CA VAL B 576 5.99 -25.94 -25.30
C VAL B 576 5.06 -27.13 -25.13
N SER B 577 4.80 -27.48 -23.86
CA SER B 577 3.98 -28.60 -23.42
C SER B 577 2.60 -28.47 -24.03
N THR B 578 1.99 -27.32 -23.76
CA THR B 578 0.57 -27.13 -23.87
C THR B 578 0.21 -26.78 -25.31
N GLN B 579 1.24 -26.45 -26.10
CA GLN B 579 1.01 -26.35 -27.52
C GLN B 579 1.08 -27.73 -28.18
N THR B 580 1.89 -28.65 -27.61
CA THR B 580 1.88 -30.06 -27.98
C THR B 580 0.60 -30.73 -27.46
N ALA B 581 0.02 -30.16 -26.39
CA ALA B 581 -1.17 -30.69 -25.74
C ALA B 581 -2.42 -30.36 -26.56
N LEU B 582 -2.37 -29.19 -27.21
CA LEU B 582 -3.54 -28.61 -27.86
C LEU B 582 -3.27 -28.52 -29.36
N ALA B 583 -2.72 -29.61 -29.92
CA ALA B 583 -2.44 -29.79 -31.34
C ALA B 583 -1.78 -28.56 -31.95
MG MG C . 23.45 28.19 12.70
AU AU D . 1.78 15.53 11.93
MG MG E . -11.15 0.38 -16.66
AU AU F . -8.21 16.41 -8.58
#